data_8E0N
#
_entry.id   8E0N
#
_cell.length_a   97.794
_cell.length_b   97.794
_cell.length_c   133.916
_cell.angle_alpha   90.000
_cell.angle_beta   90.000
_cell.angle_gamma   120.000
#
_symmetry.space_group_name_H-M   'P 32'
#
loop_
_entity.id
_entity.type
_entity.pdbx_description
1 polymer BGL18
2 water water
#
_entity_poly.entity_id   1
_entity_poly.type   'polypeptide(L)'
_entity_poly.pdbx_seq_one_letter_code
;EGSPRLVLRALENMVRAAHTLAEIARDNGNEEWLERAARLAEEVARRAEELAREARKEGNLELALKALQILVNAAYVLAE
IARDRGNEELLEKAARLAEEAARQAEEIARQARKEGNFELALEALEILNEAARVLARIAHHRGNQELLEKAWRLTHRSAK
WSREIAEQARKEGE
;
_entity_poly.pdbx_strand_id   A,B,C,D,E,F
#
# COMPACT_ATOMS: atom_id res chain seq x y z
N SER A 3 -28.29 -10.51 9.05
CA SER A 3 -27.31 -9.72 8.32
C SER A 3 -27.85 -8.31 8.02
N PRO A 4 -27.53 -7.36 8.91
CA PRO A 4 -28.03 -5.99 8.69
C PRO A 4 -27.30 -5.25 7.58
N ARG A 5 -26.07 -5.67 7.25
CA ARG A 5 -25.40 -5.10 6.08
C ARG A 5 -26.14 -5.46 4.79
N LEU A 6 -26.81 -6.62 4.76
CA LEU A 6 -27.60 -6.98 3.59
C LEU A 6 -28.92 -6.22 3.56
N VAL A 7 -29.58 -6.08 4.72
CA VAL A 7 -30.80 -5.29 4.80
C VAL A 7 -30.51 -3.84 4.43
N LEU A 8 -29.36 -3.32 4.83
CA LEU A 8 -28.97 -1.97 4.44
C LEU A 8 -28.77 -1.86 2.94
N ARG A 9 -28.01 -2.79 2.36
CA ARG A 9 -27.72 -2.75 0.93
C ARG A 9 -28.99 -2.82 0.10
N ALA A 10 -29.97 -3.61 0.55
CA ALA A 10 -31.24 -3.68 -0.17
C ALA A 10 -32.00 -2.37 -0.07
N LEU A 11 -31.88 -1.66 1.06
CA LEU A 11 -32.61 -0.42 1.23
C LEU A 11 -32.02 0.70 0.37
N GLU A 12 -30.69 0.71 0.21
CA GLU A 12 -30.07 1.66 -0.70
C GLU A 12 -30.53 1.44 -2.13
N ASN A 13 -30.98 0.23 -2.46
CA ASN A 13 -31.46 -0.04 -3.81
C ASN A 13 -32.85 0.54 -4.02
N MET A 14 -33.71 0.47 -3.00
CA MET A 14 -35.08 0.92 -3.18
C MET A 14 -35.18 2.44 -3.26
N VAL A 15 -34.27 3.17 -2.59
CA VAL A 15 -34.28 4.62 -2.72
C VAL A 15 -33.87 5.02 -4.14
N ARG A 16 -32.85 4.35 -4.69
CA ARG A 16 -32.51 4.54 -6.09
C ARG A 16 -33.70 4.22 -6.98
N ALA A 17 -34.46 3.18 -6.64
CA ALA A 17 -35.65 2.84 -7.41
C ALA A 17 -36.74 3.89 -7.22
N ALA A 18 -37.01 4.27 -5.97
CA ALA A 18 -38.02 5.29 -5.72
C ALA A 18 -37.65 6.62 -6.38
N HIS A 19 -36.36 6.95 -6.45
CA HIS A 19 -35.92 8.14 -7.16
C HIS A 19 -36.23 8.04 -8.65
N THR A 20 -35.92 6.88 -9.25
CA THR A 20 -36.11 6.72 -10.68
C THR A 20 -37.58 6.74 -11.07
N LEU A 21 -38.43 6.07 -10.29
CA LEU A 21 -39.86 6.05 -10.60
C LEU A 21 -40.46 7.45 -10.56
N ALA A 22 -40.02 8.26 -9.59
CA ALA A 22 -40.49 9.64 -9.52
C ALA A 22 -40.03 10.44 -10.73
N GLU A 23 -38.81 10.17 -11.21
CA GLU A 23 -38.34 10.83 -12.42
C GLU A 23 -39.16 10.41 -13.64
N ILE A 24 -39.46 9.12 -13.74
CA ILE A 24 -40.29 8.64 -14.84
C ILE A 24 -41.69 9.24 -14.76
N ALA A 25 -42.23 9.35 -13.54
CA ALA A 25 -43.57 9.88 -13.36
C ALA A 25 -43.61 11.38 -13.61
N ARG A 26 -42.62 12.12 -13.08
CA ARG A 26 -42.62 13.57 -13.21
C ARG A 26 -42.40 13.99 -14.66
N ASP A 27 -41.36 13.44 -15.29
CA ASP A 27 -41.07 13.79 -16.68
C ASP A 27 -42.18 13.39 -17.63
N ASN A 28 -43.06 12.46 -17.23
CA ASN A 28 -44.14 12.01 -18.10
C ASN A 28 -45.51 12.27 -17.49
N GLY A 29 -45.60 13.04 -16.42
CA GLY A 29 -46.86 13.51 -15.87
C GLY A 29 -47.90 12.43 -15.64
N ASN A 30 -47.51 11.35 -14.96
CA ASN A 30 -48.41 10.24 -14.67
C ASN A 30 -48.70 10.28 -13.17
N GLU A 31 -49.89 10.77 -12.81
CA GLU A 31 -50.22 11.00 -11.41
C GLU A 31 -50.32 9.70 -10.62
N GLU A 32 -50.78 8.62 -11.26
CA GLU A 32 -50.84 7.33 -10.59
C GLU A 32 -49.44 6.80 -10.26
N TRP A 33 -48.44 7.14 -11.09
CA TRP A 33 -47.08 6.69 -10.85
C TRP A 33 -46.40 7.51 -9.75
N LEU A 34 -46.75 8.79 -9.61
CA LEU A 34 -46.13 9.63 -8.59
C LEU A 34 -46.51 9.17 -7.19
N GLU A 35 -47.80 8.89 -6.98
CA GLU A 35 -48.22 8.32 -5.70
C GLU A 35 -47.54 6.98 -5.45
N ARG A 36 -47.36 6.18 -6.52
CA ARG A 36 -46.66 4.92 -6.41
C ARG A 36 -45.23 5.13 -5.92
N ALA A 37 -44.57 6.17 -6.42
CA ALA A 37 -43.18 6.42 -6.04
C ALA A 37 -43.09 6.96 -4.62
N ALA A 38 -44.08 7.74 -4.19
CA ALA A 38 -44.04 8.32 -2.86
C ALA A 38 -44.16 7.25 -1.78
N ARG A 39 -45.08 6.31 -1.96
CA ARG A 39 -45.25 5.24 -0.99
C ARG A 39 -43.99 4.39 -0.87
N LEU A 40 -43.25 4.22 -1.96
CA LEU A 40 -41.98 3.50 -1.86
C LEU A 40 -40.95 4.33 -1.11
N ALA A 41 -40.91 5.64 -1.36
CA ALA A 41 -39.95 6.49 -0.67
C ALA A 41 -40.20 6.53 0.82
N GLU A 42 -41.46 6.79 1.22
CA GLU A 42 -41.81 6.80 2.63
C GLU A 42 -41.60 5.44 3.27
N GLU A 43 -41.81 4.36 2.50
CA GLU A 43 -41.59 3.02 3.03
C GLU A 43 -40.14 2.81 3.46
N VAL A 44 -39.20 3.15 2.58
CA VAL A 44 -37.79 2.97 2.90
C VAL A 44 -37.38 3.86 4.07
N ALA A 45 -37.93 5.07 4.14
CA ALA A 45 -37.61 5.97 5.24
C ALA A 45 -38.04 5.36 6.57
N ARG A 46 -39.22 4.75 6.61
CA ARG A 46 -39.66 4.05 7.82
C ARG A 46 -38.79 2.84 8.10
N ARG A 47 -38.46 2.07 7.05
CA ARG A 47 -37.59 0.92 7.20
C ARG A 47 -36.21 1.34 7.68
N ALA A 48 -35.64 2.39 7.07
CA ALA A 48 -34.32 2.87 7.47
C ALA A 48 -34.34 3.43 8.88
N GLU A 49 -35.46 4.02 9.30
CA GLU A 49 -35.56 4.55 10.67
C GLU A 49 -35.46 3.42 11.68
N GLU A 50 -36.02 2.25 11.37
CA GLU A 50 -35.95 1.12 12.29
C GLU A 50 -34.54 0.52 12.32
N LEU A 51 -33.90 0.43 11.15
CA LEU A 51 -32.56 -0.15 11.09
C LEU A 51 -31.54 0.72 11.80
N ALA A 52 -31.75 2.03 11.83
CA ALA A 52 -30.80 2.93 12.47
C ALA A 52 -30.79 2.73 13.98
N ARG A 53 -31.96 2.70 14.61
CA ARG A 53 -32.03 2.52 16.05
C ARG A 53 -31.66 1.09 16.44
N GLU A 54 -31.93 0.12 15.58
CA GLU A 54 -31.48 -1.25 15.85
C GLU A 54 -29.96 -1.31 15.89
N ALA A 55 -29.30 -0.67 14.94
CA ALA A 55 -27.84 -0.71 14.89
C ALA A 55 -27.22 0.19 15.96
N ARG A 56 -27.92 1.25 16.37
CA ARG A 56 -27.35 2.16 17.35
C ARG A 56 -27.44 1.59 18.76
N LYS A 57 -28.57 0.98 19.10
CA LYS A 57 -28.70 0.25 20.36
C LYS A 57 -27.75 -0.94 20.42
N GLU A 58 -27.23 -1.39 19.28
CA GLU A 58 -26.26 -2.47 19.22
C GLU A 58 -24.82 -1.96 19.19
N GLY A 59 -24.62 -0.64 19.15
CA GLY A 59 -23.29 -0.08 19.17
C GLY A 59 -22.60 0.00 17.82
N ASN A 60 -23.28 -0.36 16.74
CA ASN A 60 -22.71 -0.31 15.40
C ASN A 60 -23.09 1.03 14.79
N LEU A 61 -22.24 2.04 14.99
CA LEU A 61 -22.58 3.39 14.58
C LEU A 61 -22.34 3.64 13.10
N GLU A 62 -21.42 2.89 12.49
CA GLU A 62 -21.21 3.02 11.05
C GLU A 62 -22.44 2.61 10.27
N LEU A 63 -23.11 1.54 10.71
CA LEU A 63 -24.35 1.12 10.07
C LEU A 63 -25.48 2.12 10.30
N ALA A 64 -25.51 2.73 11.49
CA ALA A 64 -26.58 3.67 11.79
C ALA A 64 -26.50 4.90 10.89
N LEU A 65 -25.29 5.37 10.58
CA LEU A 65 -25.15 6.54 9.72
C LEU A 65 -25.58 6.24 8.30
N LYS A 66 -25.19 5.07 7.76
CA LYS A 66 -25.59 4.72 6.41
C LYS A 66 -27.08 4.48 6.32
N ALA A 67 -27.71 4.08 7.43
CA ALA A 67 -29.16 4.03 7.48
C ALA A 67 -29.76 5.42 7.54
N LEU A 68 -29.01 6.39 8.07
CA LEU A 68 -29.48 7.77 8.14
C LEU A 68 -29.40 8.47 6.78
N GLN A 69 -28.38 8.14 5.97
CA GLN A 69 -28.31 8.73 4.64
C GLN A 69 -29.47 8.26 3.77
N ILE A 70 -29.81 6.97 3.85
CA ILE A 70 -30.99 6.46 3.18
C ILE A 70 -32.22 7.24 3.61
N LEU A 71 -32.33 7.54 4.91
CA LEU A 71 -33.43 8.37 5.40
C LEU A 71 -33.40 9.75 4.77
N VAL A 72 -32.22 10.34 4.63
CA VAL A 72 -32.12 11.66 4.00
C VAL A 72 -32.51 11.56 2.53
N ASN A 73 -32.00 10.55 1.84
CA ASN A 73 -32.30 10.39 0.42
C ASN A 73 -33.80 10.21 0.19
N ALA A 74 -34.45 9.40 1.03
CA ALA A 74 -35.91 9.26 0.93
C ALA A 74 -36.61 10.57 1.25
N ALA A 75 -36.07 11.32 2.21
CA ALA A 75 -36.66 12.62 2.52
C ALA A 75 -36.51 13.58 1.33
N TYR A 76 -35.43 13.44 0.56
CA TYR A 76 -35.25 14.28 -0.62
C TYR A 76 -36.22 13.87 -1.72
N VAL A 77 -36.43 12.56 -1.89
CA VAL A 77 -37.35 12.08 -2.94
C VAL A 77 -38.76 12.60 -2.67
N LEU A 78 -39.23 12.48 -1.43
CA LEU A 78 -40.57 12.94 -1.10
C LEU A 78 -40.68 14.45 -1.25
N ALA A 79 -39.63 15.18 -0.87
CA ALA A 79 -39.67 16.64 -0.96
C ALA A 79 -39.76 17.11 -2.41
N GLU A 80 -39.00 16.47 -3.30
CA GLU A 80 -39.05 16.83 -4.71
C GLU A 80 -40.41 16.50 -5.32
N ILE A 81 -41.03 15.40 -4.87
CA ILE A 81 -42.37 15.05 -5.34
C ILE A 81 -43.38 16.08 -4.85
N ALA A 82 -43.27 16.50 -3.60
CA ALA A 82 -44.26 17.42 -3.02
C ALA A 82 -44.20 18.79 -3.69
N ARG A 83 -43.00 19.25 -4.08
CA ARG A 83 -42.87 20.55 -4.73
C ARG A 83 -43.53 20.55 -6.11
N ASP A 84 -43.30 19.49 -6.90
CA ASP A 84 -43.84 19.40 -8.25
C ASP A 84 -45.34 19.13 -8.28
N ARG A 85 -45.91 18.76 -7.14
CA ARG A 85 -47.32 18.43 -7.02
C ARG A 85 -48.07 19.36 -6.07
N GLY A 86 -47.37 20.30 -5.43
CA GLY A 86 -48.00 21.28 -4.55
C GLY A 86 -48.74 20.66 -3.39
N ASN A 87 -48.23 19.56 -2.84
CA ASN A 87 -48.85 18.87 -1.73
C ASN A 87 -48.16 19.32 -0.44
N GLU A 88 -48.87 20.10 0.38
CA GLU A 88 -48.31 20.60 1.62
C GLU A 88 -48.18 19.51 2.68
N GLU A 89 -49.03 18.49 2.64
CA GLU A 89 -48.95 17.42 3.63
C GLU A 89 -47.76 16.51 3.39
N LEU A 90 -47.27 16.42 2.15
CA LEU A 90 -46.06 15.65 1.87
C LEU A 90 -44.80 16.41 2.23
N LEU A 91 -44.80 17.73 2.09
CA LEU A 91 -43.67 18.52 2.55
C LEU A 91 -43.46 18.37 4.06
N GLU A 92 -44.55 18.18 4.80
CA GLU A 92 -44.44 17.98 6.24
C GLU A 92 -43.77 16.65 6.56
N LYS A 93 -44.15 15.59 5.84
CA LYS A 93 -43.49 14.30 6.05
C LYS A 93 -42.01 14.37 5.71
N ALA A 94 -41.68 15.02 4.59
CA ALA A 94 -40.28 15.17 4.23
C ALA A 94 -39.51 16.01 5.24
N ALA A 95 -40.19 16.96 5.88
CA ALA A 95 -39.52 17.78 6.89
C ALA A 95 -39.20 16.97 8.14
N ARG A 96 -40.13 16.08 8.55
CA ARG A 96 -39.85 15.22 9.70
C ARG A 96 -38.63 14.35 9.44
N LEU A 97 -38.58 13.71 8.27
CA LEU A 97 -37.56 12.72 7.99
C LEU A 97 -36.17 13.36 7.96
N ALA A 98 -36.06 14.54 7.36
CA ALA A 98 -34.78 15.23 7.36
C ALA A 98 -34.46 15.79 8.75
N GLU A 99 -35.48 16.21 9.49
CA GLU A 99 -35.25 16.72 10.84
C GLU A 99 -34.80 15.61 11.77
N GLU A 100 -35.37 14.42 11.64
CA GLU A 100 -34.93 13.27 12.43
C GLU A 100 -33.49 12.91 12.10
N ALA A 101 -33.16 12.84 10.81
CA ALA A 101 -31.79 12.53 10.42
C ALA A 101 -30.81 13.60 10.89
N ALA A 102 -31.25 14.86 10.93
CA ALA A 102 -30.37 15.94 11.37
C ALA A 102 -30.02 15.80 12.84
N ARG A 103 -30.98 15.39 13.67
CA ARG A 103 -30.71 15.17 15.09
C ARG A 103 -29.72 14.03 15.26
N GLN A 104 -30.10 12.83 14.81
CA GLN A 104 -29.28 11.65 15.03
C GLN A 104 -27.88 11.80 14.41
N ALA A 105 -27.76 12.47 13.27
CA ALA A 105 -26.44 12.76 12.73
C ALA A 105 -25.65 13.65 13.68
N GLU A 106 -26.33 14.61 14.33
CA GLU A 106 -25.65 15.50 15.26
C GLU A 106 -25.38 14.79 16.59
N GLU A 107 -26.29 13.93 17.02
CA GLU A 107 -26.09 13.19 18.27
C GLU A 107 -24.93 12.20 18.15
N ILE A 108 -24.93 11.39 17.09
CA ILE A 108 -23.83 10.44 16.89
C ILE A 108 -22.52 11.18 16.71
N ALA A 109 -22.56 12.34 16.05
CA ALA A 109 -21.35 13.15 15.91
C ALA A 109 -20.81 13.56 17.27
N ARG A 110 -21.70 13.96 18.18
CA ARG A 110 -21.27 14.37 19.52
C ARG A 110 -20.65 13.21 20.28
N GLN A 111 -21.30 12.04 20.22
CA GLN A 111 -20.79 10.87 20.94
C GLN A 111 -19.42 10.44 20.39
N ALA A 112 -19.34 10.23 19.09
CA ALA A 112 -18.09 9.80 18.48
C ALA A 112 -16.98 10.83 18.65
N ARG A 113 -17.35 12.12 18.69
CA ARG A 113 -16.34 13.17 18.86
C ARG A 113 -15.80 13.19 20.28
N LYS A 114 -16.68 13.06 21.27
CA LYS A 114 -16.23 12.97 22.66
C LYS A 114 -15.48 11.67 22.92
N GLU A 115 -15.68 10.65 22.09
CA GLU A 115 -14.97 9.39 22.20
C GLU A 115 -13.68 9.35 21.39
N GLY A 116 -13.37 10.42 20.68
CA GLY A 116 -12.14 10.49 19.91
C GLY A 116 -12.19 9.83 18.55
N ASN A 117 -13.33 9.29 18.14
CA ASN A 117 -13.47 8.65 16.83
C ASN A 117 -13.79 9.74 15.82
N PHE A 118 -12.74 10.34 15.26
CA PHE A 118 -12.90 11.47 14.35
C PHE A 118 -13.44 11.05 12.99
N GLU A 119 -13.27 9.79 12.60
CA GLU A 119 -13.81 9.33 11.32
C GLU A 119 -15.33 9.30 11.34
N LEU A 120 -15.91 8.70 12.39
CA LEU A 120 -17.37 8.72 12.54
C LEU A 120 -17.90 10.14 12.65
N ALA A 121 -17.18 11.02 13.34
CA ALA A 121 -17.61 12.40 13.49
C ALA A 121 -17.78 13.07 12.14
N LEU A 122 -16.81 12.90 11.23
CA LEU A 122 -16.93 13.48 9.90
C LEU A 122 -17.98 12.76 9.07
N GLU A 123 -18.13 11.44 9.28
CA GLU A 123 -19.17 10.71 8.58
C GLU A 123 -20.56 11.17 9.01
N ALA A 124 -20.71 11.49 10.30
CA ALA A 124 -21.98 12.02 10.77
C ALA A 124 -22.18 13.47 10.37
N LEU A 125 -21.10 14.24 10.28
CA LEU A 125 -21.22 15.64 9.89
C LEU A 125 -21.58 15.79 8.43
N GLU A 126 -21.18 14.85 7.57
CA GLU A 126 -21.57 14.91 6.16
C GLU A 126 -23.07 14.69 5.99
N ILE A 127 -23.66 13.84 6.82
CA ILE A 127 -25.10 13.63 6.76
C ILE A 127 -25.86 14.87 7.24
N LEU A 128 -25.23 15.69 8.09
CA LEU A 128 -25.82 16.98 8.45
C LEU A 128 -26.01 17.85 7.21
N ASN A 129 -24.98 17.96 6.37
CA ASN A 129 -25.12 18.64 5.10
C ASN A 129 -26.27 18.06 4.29
N GLU A 130 -26.32 16.73 4.20
CA GLU A 130 -27.38 16.08 3.45
C GLU A 130 -28.76 16.44 3.99
N ALA A 131 -28.90 16.45 5.32
CA ALA A 131 -30.21 16.76 5.91
C ALA A 131 -30.50 18.25 5.81
N ALA A 132 -29.53 19.10 6.14
CA ALA A 132 -29.74 20.54 6.10
C ALA A 132 -30.02 21.03 4.68
N ARG A 133 -29.41 20.39 3.68
CA ARG A 133 -29.66 20.78 2.29
C ARG A 133 -31.09 20.45 1.90
N VAL A 134 -31.64 19.35 2.42
CA VAL A 134 -33.03 18.99 2.12
C VAL A 134 -33.98 19.93 2.85
N LEU A 135 -33.71 20.19 4.14
CA LEU A 135 -34.54 21.12 4.90
C LEU A 135 -34.53 22.51 4.30
N ALA A 136 -33.41 22.91 3.68
CA ALA A 136 -33.33 24.23 3.08
C ALA A 136 -34.26 24.35 1.89
N ARG A 137 -34.27 23.34 1.02
CA ARG A 137 -35.19 23.36 -0.12
C ARG A 137 -36.64 23.31 0.33
N ILE A 138 -36.93 22.49 1.35
CA ILE A 138 -38.29 22.41 1.87
C ILE A 138 -38.73 23.77 2.39
N ALA A 139 -37.88 24.41 3.20
CA ALA A 139 -38.22 25.72 3.75
C ALA A 139 -38.40 26.76 2.65
N HIS A 140 -37.75 26.58 1.51
CA HIS A 140 -37.91 27.52 0.41
C HIS A 140 -39.25 27.34 -0.30
N HIS A 141 -39.56 26.11 -0.71
CA HIS A 141 -40.82 25.79 -1.36
C HIS A 141 -41.99 25.70 -0.38
N ARG A 142 -41.84 26.29 0.80
CA ARG A 142 -42.86 26.26 1.84
C ARG A 142 -42.93 27.57 2.60
N GLY A 143 -42.04 28.53 2.30
CA GLY A 143 -42.16 29.89 2.78
C GLY A 143 -41.78 30.09 4.23
N ASN A 144 -41.09 29.12 4.84
CA ASN A 144 -40.77 29.18 6.26
C ASN A 144 -39.35 29.71 6.40
N GLN A 145 -39.22 30.91 6.96
CA GLN A 145 -37.91 31.52 7.16
C GLN A 145 -37.17 30.91 8.34
N GLU A 146 -37.88 30.49 9.38
CA GLU A 146 -37.23 29.93 10.56
C GLU A 146 -36.58 28.58 10.24
N LEU A 147 -37.29 27.70 9.54
CA LEU A 147 -36.69 26.43 9.14
C LEU A 147 -35.54 26.64 8.17
N LEU A 148 -35.66 27.63 7.28
CA LEU A 148 -34.54 28.02 6.44
C LEU A 148 -33.35 28.43 7.28
N GLU A 149 -33.58 29.31 8.27
CA GLU A 149 -32.52 29.73 9.16
C GLU A 149 -31.98 28.56 9.97
N LYS A 150 -32.82 27.58 10.29
CA LYS A 150 -32.36 26.38 10.98
C LYS A 150 -31.40 25.59 10.10
N ALA A 151 -31.79 25.33 8.86
CA ALA A 151 -30.92 24.56 7.97
C ALA A 151 -29.61 25.29 7.69
N TRP A 152 -29.60 26.61 7.86
CA TRP A 152 -28.39 27.39 7.60
C TRP A 152 -27.40 27.29 8.75
N ARG A 153 -27.89 27.21 10.00
CA ARG A 153 -27.00 26.91 11.10
C ARG A 153 -26.48 25.48 11.02
N LEU A 154 -27.35 24.56 10.60
CA LEU A 154 -26.98 23.15 10.55
C LEU A 154 -25.83 22.91 9.57
N THR A 155 -25.83 23.62 8.44
CA THR A 155 -24.74 23.49 7.49
C THR A 155 -23.45 24.09 8.04
N HIS A 156 -23.55 25.24 8.72
CA HIS A 156 -22.38 25.86 9.33
C HIS A 156 -21.78 24.97 10.41
N ARG A 157 -22.61 24.25 11.15
CA ARG A 157 -22.11 23.33 12.16
C ARG A 157 -21.33 22.17 11.53
N SER A 158 -21.75 21.75 10.35
CA SER A 158 -20.98 20.74 9.61
C SER A 158 -19.60 21.28 9.23
N ALA A 159 -19.53 22.56 8.87
CA ALA A 159 -18.27 23.15 8.49
C ALA A 159 -17.42 23.50 9.70
N LYS A 160 -18.04 24.08 10.73
CA LYS A 160 -17.30 24.51 11.90
C LYS A 160 -16.74 23.32 12.67
N TRP A 161 -17.55 22.26 12.86
CA TRP A 161 -17.07 21.10 13.59
C TRP A 161 -16.05 20.31 12.78
N SER A 162 -16.12 20.37 11.45
CA SER A 162 -15.12 19.69 10.63
C SER A 162 -13.78 20.41 10.69
N ARG A 163 -13.81 21.75 10.72
CA ARG A 163 -12.57 22.52 10.80
C ARG A 163 -11.82 22.23 12.08
N GLU A 164 -12.54 22.07 13.19
CA GLU A 164 -11.90 21.76 14.46
C GLU A 164 -11.22 20.40 14.40
N ILE A 165 -11.91 19.40 13.84
CA ILE A 165 -11.28 18.09 13.64
C ILE A 165 -10.14 18.19 12.63
N ALA A 166 -10.22 19.14 11.70
CA ALA A 166 -9.11 19.34 10.77
C ALA A 166 -7.88 19.86 11.50
N GLU A 167 -8.08 20.70 12.52
CA GLU A 167 -6.95 21.17 13.32
C GLU A 167 -6.53 20.14 14.36
N GLN A 168 -7.45 19.30 14.82
CA GLN A 168 -7.10 18.26 15.79
C GLN A 168 -6.28 17.13 15.17
N ALA A 169 -6.22 17.05 13.85
CA ALA A 169 -5.62 15.91 13.17
C ALA A 169 -4.39 16.25 12.35
N ARG A 170 -3.92 17.50 12.40
CA ARG A 170 -2.75 17.87 11.61
C ARG A 170 -1.47 17.43 12.31
N LYS A 171 -0.39 17.35 11.54
CA LYS A 171 0.89 16.98 12.11
C LYS A 171 1.47 18.13 12.92
N GLU A 172 2.33 17.78 13.87
CA GLU A 172 2.87 18.76 14.83
C GLU A 172 4.15 19.38 14.28
N GLY A 173 3.97 20.16 13.21
CA GLY A 173 5.08 20.84 12.57
C GLY A 173 4.66 22.07 11.79
N GLU B 1 -0.53 -13.02 -17.40
CA GLU B 1 -1.77 -12.62 -16.72
C GLU B 1 -2.04 -11.13 -16.90
N GLY B 2 -3.18 -10.69 -16.37
CA GLY B 2 -3.57 -9.30 -16.46
C GLY B 2 -4.26 -8.85 -15.19
N SER B 3 -4.53 -7.54 -15.14
CA SER B 3 -5.14 -6.91 -13.98
C SER B 3 -6.50 -6.34 -14.36
N PRO B 4 -7.59 -7.08 -14.17
CA PRO B 4 -8.92 -6.53 -14.46
C PRO B 4 -9.26 -5.31 -13.62
N ARG B 5 -8.65 -5.18 -12.44
CA ARG B 5 -8.87 -3.98 -11.63
C ARG B 5 -8.33 -2.74 -12.32
N LEU B 6 -7.21 -2.89 -13.03
CA LEU B 6 -6.66 -1.76 -13.78
C LEU B 6 -7.48 -1.49 -15.04
N VAL B 7 -7.98 -2.54 -15.69
CA VAL B 7 -8.78 -2.37 -16.89
C VAL B 7 -10.09 -1.64 -16.55
N LEU B 8 -10.65 -1.93 -15.37
CA LEU B 8 -11.90 -1.30 -14.97
C LEU B 8 -11.70 0.20 -14.71
N ARG B 9 -10.78 0.54 -13.81
CA ARG B 9 -10.52 1.94 -13.50
C ARG B 9 -10.09 2.72 -14.74
N ALA B 10 -9.42 2.04 -15.70
CA ALA B 10 -9.10 2.70 -16.96
C ALA B 10 -10.35 2.93 -17.79
N LEU B 11 -11.24 1.93 -17.84
CA LEU B 11 -12.50 2.11 -18.55
C LEU B 11 -13.37 3.17 -17.87
N GLU B 12 -13.32 3.24 -16.54
CA GLU B 12 -14.11 4.22 -15.82
C GLU B 12 -13.66 5.64 -16.12
N ASN B 13 -12.34 5.86 -16.19
CA ASN B 13 -11.83 7.16 -16.59
C ASN B 13 -12.24 7.51 -18.02
N MET B 14 -12.45 6.51 -18.86
CA MET B 14 -12.72 6.77 -20.27
C MET B 14 -14.17 7.22 -20.48
N VAL B 15 -15.10 6.67 -19.70
CA VAL B 15 -16.48 7.14 -19.75
C VAL B 15 -16.58 8.54 -19.18
N ARG B 16 -15.93 8.78 -18.03
CA ARG B 16 -15.92 10.11 -17.44
C ARG B 16 -15.38 11.14 -18.41
N ALA B 17 -14.37 10.76 -19.21
CA ALA B 17 -13.86 11.65 -20.24
C ALA B 17 -14.90 11.90 -21.32
N ALA B 18 -15.54 10.84 -21.80
CA ALA B 18 -16.57 10.99 -22.83
C ALA B 18 -17.74 11.81 -22.32
N HIS B 19 -18.10 11.63 -21.05
CA HIS B 19 -19.15 12.45 -20.44
C HIS B 19 -18.74 13.92 -20.41
N THR B 20 -17.47 14.19 -20.12
CA THR B 20 -17.00 15.57 -20.08
C THR B 20 -16.94 16.18 -21.47
N LEU B 21 -16.46 15.42 -22.45
CA LEU B 21 -16.39 15.93 -23.82
C LEU B 21 -17.78 16.27 -24.36
N ALA B 22 -18.76 15.41 -24.09
CA ALA B 22 -20.13 15.69 -24.52
C ALA B 22 -20.66 16.96 -23.88
N GLU B 23 -20.34 17.18 -22.61
CA GLU B 23 -20.78 18.40 -21.94
C GLU B 23 -20.05 19.63 -22.50
N ILE B 24 -18.75 19.52 -22.72
CA ILE B 24 -17.98 20.64 -23.26
C ILE B 24 -18.47 20.98 -24.66
N ALA B 25 -18.71 19.97 -25.48
CA ALA B 25 -19.21 20.21 -26.83
C ALA B 25 -20.62 20.76 -26.81
N ARG B 26 -21.46 20.24 -25.93
CA ARG B 26 -22.87 20.67 -25.87
C ARG B 26 -22.97 22.13 -25.47
N ASP B 27 -22.30 22.49 -24.36
CA ASP B 27 -22.39 23.85 -23.83
C ASP B 27 -21.78 24.88 -24.76
N ASN B 28 -20.97 24.45 -25.73
CA ASN B 28 -20.29 25.36 -26.64
C ASN B 28 -20.74 25.23 -28.08
N GLY B 29 -21.70 24.34 -28.38
CA GLY B 29 -22.25 24.24 -29.72
C GLY B 29 -21.25 23.91 -30.80
N ASN B 30 -20.41 22.91 -30.56
CA ASN B 30 -19.40 22.48 -31.51
C ASN B 30 -19.80 21.09 -31.99
N GLU B 31 -20.47 21.03 -33.14
CA GLU B 31 -20.96 19.76 -33.66
C GLU B 31 -19.83 18.80 -34.01
N GLU B 32 -18.67 19.33 -34.44
CA GLU B 32 -17.54 18.46 -34.71
C GLU B 32 -17.02 17.82 -33.42
N TRP B 33 -17.09 18.55 -32.31
CA TRP B 33 -16.69 17.98 -31.03
C TRP B 33 -17.68 16.92 -30.56
N LEU B 34 -18.96 17.07 -30.91
CA LEU B 34 -19.94 16.06 -30.54
C LEU B 34 -19.64 14.73 -31.21
N GLU B 35 -19.09 14.78 -32.43
CA GLU B 35 -18.71 13.54 -33.11
C GLU B 35 -17.57 12.85 -32.39
N ARG B 36 -16.58 13.61 -31.92
CA ARG B 36 -15.46 13.01 -31.20
C ARG B 36 -15.93 12.42 -29.87
N ALA B 37 -16.88 13.09 -29.20
CA ALA B 37 -17.39 12.57 -27.93
C ALA B 37 -18.17 11.26 -28.14
N ALA B 38 -19.01 11.22 -29.17
CA ALA B 38 -19.80 10.01 -29.42
C ALA B 38 -18.91 8.86 -29.87
N ARG B 39 -17.83 9.16 -30.61
CA ARG B 39 -16.94 8.12 -31.08
C ARG B 39 -16.23 7.43 -29.93
N LEU B 40 -15.89 8.19 -28.89
CA LEU B 40 -15.20 7.60 -27.74
C LEU B 40 -16.17 6.81 -26.87
N ALA B 41 -17.40 7.30 -26.71
CA ALA B 41 -18.39 6.58 -25.91
C ALA B 41 -18.78 5.26 -26.55
N GLU B 42 -18.92 5.24 -27.88
CA GLU B 42 -19.19 3.99 -28.57
C GLU B 42 -18.00 3.05 -28.48
N GLU B 43 -16.79 3.59 -28.38
CA GLU B 43 -15.61 2.74 -28.20
C GLU B 43 -15.65 2.03 -26.85
N VAL B 44 -15.91 2.78 -25.78
CA VAL B 44 -15.93 2.18 -24.44
C VAL B 44 -17.05 1.16 -24.34
N ALA B 45 -18.14 1.36 -25.10
CA ALA B 45 -19.21 0.39 -25.12
C ALA B 45 -18.74 -0.96 -25.64
N ARG B 46 -17.82 -0.96 -26.61
CA ARG B 46 -17.22 -2.22 -27.05
C ARG B 46 -16.45 -2.85 -25.90
N ARG B 47 -15.50 -2.10 -25.34
CA ARG B 47 -14.62 -2.60 -24.30
C ARG B 47 -15.41 -3.13 -23.11
N ALA B 48 -16.43 -2.39 -22.68
CA ALA B 48 -17.23 -2.83 -21.55
C ALA B 48 -18.00 -4.10 -21.88
N GLU B 49 -18.60 -4.16 -23.07
CA GLU B 49 -19.32 -5.37 -23.48
C GLU B 49 -18.37 -6.54 -23.64
N GLU B 50 -17.15 -6.28 -24.14
CA GLU B 50 -16.19 -7.36 -24.34
C GLU B 50 -15.72 -7.92 -23.01
N LEU B 51 -15.35 -7.06 -22.06
CA LEU B 51 -14.88 -7.53 -20.76
C LEU B 51 -16.01 -8.20 -19.99
N ALA B 52 -17.24 -7.68 -20.11
CA ALA B 52 -18.38 -8.31 -19.45
C ALA B 52 -18.58 -9.72 -19.96
N ARG B 53 -18.42 -9.93 -21.27
CA ARG B 53 -18.51 -11.27 -21.83
C ARG B 53 -17.38 -12.15 -21.33
N GLU B 54 -16.15 -11.62 -21.34
CA GLU B 54 -15.00 -12.40 -20.87
C GLU B 54 -15.10 -12.69 -19.38
N ALA B 55 -15.55 -11.71 -18.58
CA ALA B 55 -15.61 -11.91 -17.13
C ALA B 55 -16.63 -12.98 -16.75
N ARG B 56 -17.71 -13.14 -17.53
CA ARG B 56 -18.71 -14.14 -17.18
C ARG B 56 -18.28 -15.52 -17.63
N LYS B 57 -17.58 -15.63 -18.76
CA LYS B 57 -17.05 -16.92 -19.19
C LYS B 57 -16.11 -17.51 -18.17
N GLU B 58 -15.57 -16.69 -17.27
CA GLU B 58 -14.78 -17.14 -16.14
C GLU B 58 -15.61 -17.28 -14.86
N GLY B 59 -16.86 -16.84 -14.88
CA GLY B 59 -17.68 -16.85 -13.68
C GLY B 59 -17.43 -15.70 -12.73
N ASN B 60 -16.59 -14.73 -13.12
CA ASN B 60 -16.27 -13.59 -12.27
C ASN B 60 -17.40 -12.57 -12.44
N LEU B 61 -18.46 -12.77 -11.66
CA LEU B 61 -19.68 -11.99 -11.85
C LEU B 61 -19.56 -10.57 -11.31
N GLU B 62 -18.75 -10.36 -10.27
CA GLU B 62 -18.53 -9.01 -9.77
C GLU B 62 -17.91 -8.12 -10.84
N LEU B 63 -16.81 -8.60 -11.44
CA LEU B 63 -16.20 -7.89 -12.57
C LEU B 63 -17.20 -7.68 -13.69
N ALA B 64 -18.09 -8.66 -13.90
CA ALA B 64 -19.07 -8.57 -14.98
C ALA B 64 -20.06 -7.43 -14.74
N LEU B 65 -20.65 -7.40 -13.53
CA LEU B 65 -21.60 -6.34 -13.22
C LEU B 65 -20.95 -4.97 -13.26
N LYS B 66 -19.71 -4.88 -12.79
CA LYS B 66 -18.99 -3.61 -12.87
C LYS B 66 -18.76 -3.20 -14.33
N ALA B 67 -18.60 -4.17 -15.22
CA ALA B 67 -18.49 -3.84 -16.63
C ALA B 67 -19.84 -3.42 -17.21
N LEU B 68 -20.92 -4.05 -16.74
CA LEU B 68 -22.24 -3.72 -17.27
C LEU B 68 -22.66 -2.30 -16.93
N GLN B 69 -22.23 -1.76 -15.79
CA GLN B 69 -22.55 -0.37 -15.49
C GLN B 69 -21.76 0.59 -16.37
N ILE B 70 -20.53 0.21 -16.75
CA ILE B 70 -19.77 1.00 -17.72
C ILE B 70 -20.51 1.09 -19.04
N LEU B 71 -21.20 0.01 -19.42
CA LEU B 71 -22.09 0.06 -20.57
C LEU B 71 -23.20 1.09 -20.36
N VAL B 72 -23.90 1.00 -19.23
CA VAL B 72 -24.99 1.93 -18.95
C VAL B 72 -24.50 3.37 -18.95
N ASN B 73 -23.30 3.60 -18.40
CA ASN B 73 -22.73 4.94 -18.42
C ASN B 73 -22.35 5.36 -19.84
N ALA B 74 -21.77 4.44 -20.61
CA ALA B 74 -21.43 4.77 -21.99
C ALA B 74 -22.68 4.89 -22.85
N ALA B 75 -23.70 4.07 -22.57
CA ALA B 75 -24.94 4.18 -23.32
C ALA B 75 -25.69 5.46 -22.99
N TYR B 76 -25.56 5.96 -21.77
CA TYR B 76 -26.26 7.19 -21.39
C TYR B 76 -25.62 8.41 -22.05
N VAL B 77 -24.30 8.41 -22.20
CA VAL B 77 -23.62 9.51 -22.87
C VAL B 77 -24.04 9.57 -24.34
N LEU B 78 -24.05 8.40 -25.01
CA LEU B 78 -24.48 8.34 -26.40
C LEU B 78 -25.92 8.84 -26.56
N ALA B 79 -26.79 8.49 -25.62
CA ALA B 79 -28.18 8.91 -25.71
C ALA B 79 -28.32 10.42 -25.63
N GLU B 80 -27.53 11.05 -24.76
CA GLU B 80 -27.57 12.51 -24.63
C GLU B 80 -27.04 13.21 -25.87
N ILE B 81 -26.08 12.60 -26.56
CA ILE B 81 -25.55 13.19 -27.80
C ILE B 81 -26.56 13.05 -28.92
N ALA B 82 -27.20 11.89 -29.04
CA ALA B 82 -28.24 11.72 -30.05
C ALA B 82 -29.42 12.67 -29.81
N ARG B 83 -29.62 13.08 -28.56
CA ARG B 83 -30.65 14.07 -28.23
C ARG B 83 -30.32 15.44 -28.81
N ASP B 84 -29.03 15.76 -28.95
CA ASP B 84 -28.63 17.09 -29.42
C ASP B 84 -28.54 17.14 -30.94
N ARG B 85 -27.81 16.21 -31.55
CA ARG B 85 -27.60 16.25 -32.99
C ARG B 85 -28.84 15.85 -33.79
N GLY B 86 -29.97 15.53 -33.15
CA GLY B 86 -31.10 15.00 -33.89
C GLY B 86 -30.80 13.68 -34.56
N ASN B 87 -29.88 12.90 -34.00
CA ASN B 87 -29.39 11.67 -34.60
C ASN B 87 -30.26 10.52 -34.11
N GLU B 88 -31.20 10.07 -34.95
CA GLU B 88 -32.09 8.99 -34.58
C GLU B 88 -31.42 7.62 -34.62
N GLU B 89 -30.34 7.48 -35.39
CA GLU B 89 -29.67 6.19 -35.48
C GLU B 89 -28.92 5.83 -34.20
N LEU B 90 -28.53 6.83 -33.40
CA LEU B 90 -27.84 6.57 -32.15
C LEU B 90 -28.79 6.29 -31.00
N LEU B 91 -29.97 6.92 -30.99
CA LEU B 91 -30.97 6.61 -29.97
C LEU B 91 -31.33 5.13 -30.00
N GLU B 92 -31.46 4.57 -31.21
CA GLU B 92 -31.67 3.13 -31.32
C GLU B 92 -30.45 2.37 -30.82
N LYS B 93 -29.26 2.82 -31.19
CA LYS B 93 -28.04 2.14 -30.75
C LYS B 93 -27.83 2.30 -29.25
N ALA B 94 -28.18 3.47 -28.70
CA ALA B 94 -28.00 3.69 -27.27
C ALA B 94 -28.96 2.84 -26.45
N ALA B 95 -30.22 2.73 -26.91
CA ALA B 95 -31.21 1.97 -26.16
C ALA B 95 -30.88 0.49 -26.15
N ARG B 96 -30.41 -0.04 -27.29
CA ARG B 96 -30.08 -1.46 -27.35
C ARG B 96 -28.92 -1.81 -26.43
N LEU B 97 -28.01 -0.85 -26.20
CA LEU B 97 -26.92 -1.10 -25.25
C LEU B 97 -27.43 -1.17 -23.83
N ALA B 98 -28.35 -0.27 -23.46
CA ALA B 98 -28.92 -0.31 -22.12
C ALA B 98 -29.84 -1.52 -21.94
N GLU B 99 -30.58 -1.88 -22.99
CA GLU B 99 -31.38 -3.11 -22.93
C GLU B 99 -30.50 -4.33 -22.71
N GLU B 100 -29.32 -4.35 -23.34
CA GLU B 100 -28.41 -5.48 -23.16
C GLU B 100 -27.86 -5.52 -21.74
N ALA B 101 -27.55 -4.36 -21.17
CA ALA B 101 -27.06 -4.32 -19.80
C ALA B 101 -28.14 -4.75 -18.82
N ALA B 102 -29.37 -4.26 -19.00
CA ALA B 102 -30.48 -4.69 -18.17
C ALA B 102 -30.76 -6.18 -18.36
N ARG B 103 -30.53 -6.70 -19.56
CA ARG B 103 -30.70 -8.12 -19.82
C ARG B 103 -29.75 -8.95 -18.96
N GLN B 104 -28.45 -8.72 -19.11
CA GLN B 104 -27.46 -9.51 -18.38
C GLN B 104 -27.52 -9.27 -16.88
N ALA B 105 -27.84 -8.05 -16.46
CA ALA B 105 -27.89 -7.75 -15.03
C ALA B 105 -28.99 -8.55 -14.34
N GLU B 106 -30.13 -8.73 -15.02
CA GLU B 106 -31.23 -9.49 -14.41
C GLU B 106 -30.90 -10.97 -14.35
N GLU B 107 -30.22 -11.51 -15.37
CA GLU B 107 -29.87 -12.92 -15.37
C GLU B 107 -28.92 -13.25 -14.24
N ILE B 108 -27.91 -12.40 -14.02
CA ILE B 108 -26.98 -12.63 -12.92
C ILE B 108 -27.69 -12.51 -11.58
N ALA B 109 -28.67 -11.61 -11.48
CA ALA B 109 -29.45 -11.50 -10.25
C ALA B 109 -30.26 -12.76 -9.99
N ARG B 110 -30.86 -13.31 -11.05
CA ARG B 110 -31.68 -14.52 -10.89
C ARG B 110 -30.84 -15.70 -10.46
N GLN B 111 -29.67 -15.88 -11.07
CA GLN B 111 -28.81 -17.01 -10.71
C GLN B 111 -28.24 -16.83 -9.30
N ALA B 112 -27.83 -15.61 -8.95
CA ALA B 112 -27.32 -15.37 -7.60
C ALA B 112 -28.44 -15.48 -6.57
N ARG B 113 -29.66 -15.08 -6.93
CA ARG B 113 -30.79 -15.25 -6.03
C ARG B 113 -31.09 -16.73 -5.79
N LYS B 114 -31.00 -17.54 -6.85
CA LYS B 114 -31.24 -18.97 -6.71
C LYS B 114 -30.12 -19.68 -5.97
N GLU B 115 -28.92 -19.09 -5.92
CA GLU B 115 -27.79 -19.69 -5.22
C GLU B 115 -27.61 -19.15 -3.80
N GLY B 116 -28.46 -18.22 -3.37
CA GLY B 116 -28.32 -17.63 -2.05
C GLY B 116 -27.27 -16.56 -1.94
N ASN B 117 -26.56 -16.23 -3.01
CA ASN B 117 -25.54 -15.18 -2.99
C ASN B 117 -26.27 -13.84 -3.11
N PHE B 118 -26.71 -13.33 -1.96
CA PHE B 118 -27.59 -12.18 -1.94
C PHE B 118 -26.84 -10.86 -2.09
N GLU B 119 -25.58 -10.81 -1.64
CA GLU B 119 -24.78 -9.60 -1.86
C GLU B 119 -24.61 -9.32 -3.35
N LEU B 120 -24.29 -10.37 -4.12
CA LEU B 120 -24.13 -10.21 -5.56
C LEU B 120 -25.46 -9.88 -6.22
N ALA B 121 -26.54 -10.50 -5.76
CA ALA B 121 -27.86 -10.24 -6.35
C ALA B 121 -28.26 -8.79 -6.18
N LEU B 122 -28.02 -8.21 -5.00
CA LEU B 122 -28.35 -6.81 -4.78
C LEU B 122 -27.49 -5.89 -5.62
N GLU B 123 -26.23 -6.27 -5.87
CA GLU B 123 -25.38 -5.47 -6.73
C GLU B 123 -25.88 -5.52 -8.18
N ALA B 124 -26.41 -6.66 -8.60
CA ALA B 124 -26.93 -6.77 -9.96
C ALA B 124 -28.22 -5.97 -10.12
N LEU B 125 -29.08 -5.98 -9.10
CA LEU B 125 -30.33 -5.23 -9.16
C LEU B 125 -30.09 -3.73 -9.17
N GLU B 126 -28.94 -3.27 -8.70
CA GLU B 126 -28.59 -1.85 -8.83
C GLU B 126 -28.48 -1.43 -10.28
N ILE B 127 -28.03 -2.35 -11.16
CA ILE B 127 -27.78 -1.99 -12.54
C ILE B 127 -29.07 -1.92 -13.34
N LEU B 128 -30.09 -2.68 -12.94
CA LEU B 128 -31.41 -2.51 -13.54
C LEU B 128 -31.91 -1.08 -13.35
N ASN B 129 -31.68 -0.50 -12.17
CA ASN B 129 -32.00 0.90 -11.96
C ASN B 129 -31.20 1.78 -12.91
N GLU B 130 -29.89 1.54 -13.01
CA GLU B 130 -29.04 2.32 -13.90
C GLU B 130 -29.51 2.21 -15.35
N ALA B 131 -29.76 0.99 -15.81
CA ALA B 131 -30.19 0.78 -17.19
C ALA B 131 -31.57 1.38 -17.43
N ALA B 132 -32.51 1.15 -16.51
CA ALA B 132 -33.87 1.65 -16.71
C ALA B 132 -33.92 3.17 -16.63
N ARG B 133 -32.98 3.79 -15.91
CA ARG B 133 -32.90 5.25 -15.91
C ARG B 133 -32.57 5.78 -17.30
N VAL B 134 -31.74 5.06 -18.05
CA VAL B 134 -31.38 5.49 -19.40
C VAL B 134 -32.54 5.25 -20.35
N LEU B 135 -33.14 4.05 -20.30
CA LEU B 135 -34.26 3.73 -21.17
C LEU B 135 -35.44 4.68 -20.91
N ALA B 136 -35.65 5.07 -19.66
CA ALA B 136 -36.72 6.02 -19.36
C ALA B 136 -36.43 7.38 -19.98
N ARG B 137 -35.19 7.85 -19.84
CA ARG B 137 -34.82 9.13 -20.45
C ARG B 137 -34.87 9.06 -21.97
N ILE B 138 -34.51 7.90 -22.54
CA ILE B 138 -34.58 7.73 -23.98
C ILE B 138 -36.03 7.68 -24.44
N ALA B 139 -36.87 6.92 -23.71
CA ALA B 139 -38.28 6.82 -24.07
C ALA B 139 -38.98 8.18 -24.02
N HIS B 140 -38.53 9.06 -23.13
CA HIS B 140 -39.11 10.39 -23.07
C HIS B 140 -38.67 11.25 -24.25
N HIS B 141 -37.38 11.20 -24.58
CA HIS B 141 -36.81 11.98 -25.66
C HIS B 141 -37.17 11.46 -27.05
N ARG B 142 -37.98 10.40 -27.13
CA ARG B 142 -38.42 9.91 -28.43
C ARG B 142 -39.93 9.59 -28.39
N GLY B 143 -40.60 9.85 -27.27
CA GLY B 143 -42.03 9.72 -27.20
C GLY B 143 -42.56 8.30 -27.25
N ASN B 144 -41.75 7.33 -26.86
CA ASN B 144 -42.12 5.92 -26.95
C ASN B 144 -42.66 5.51 -25.59
N GLN B 145 -43.95 5.18 -25.54
CA GLN B 145 -44.58 4.76 -24.29
C GLN B 145 -44.29 3.29 -23.98
N GLU B 146 -44.04 2.47 -25.00
CA GLU B 146 -43.73 1.07 -24.76
C GLU B 146 -42.40 0.91 -24.04
N LEU B 147 -41.45 1.83 -24.25
CA LEU B 147 -40.18 1.74 -23.56
C LEU B 147 -40.26 2.31 -22.15
N LEU B 148 -41.13 3.30 -21.92
CA LEU B 148 -41.39 3.76 -20.57
C LEU B 148 -41.88 2.61 -19.69
N GLU B 149 -42.86 1.85 -20.17
CA GLU B 149 -43.36 0.72 -19.41
C GLU B 149 -42.27 -0.32 -19.19
N LYS B 150 -41.32 -0.42 -20.10
CA LYS B 150 -40.16 -1.29 -19.86
C LYS B 150 -39.30 -0.75 -18.73
N ALA B 151 -38.91 0.52 -18.83
CA ALA B 151 -38.09 1.13 -17.78
C ALA B 151 -38.82 1.12 -16.44
N TRP B 152 -40.11 1.43 -16.45
CA TRP B 152 -40.90 1.39 -15.22
C TRP B 152 -40.96 -0.02 -14.65
N ARG B 153 -41.18 -1.01 -15.51
CA ARG B 153 -41.23 -2.40 -15.05
C ARG B 153 -39.88 -2.86 -14.53
N LEU B 154 -38.80 -2.41 -15.15
CA LEU B 154 -37.47 -2.83 -14.72
C LEU B 154 -37.04 -2.11 -13.45
N THR B 155 -37.33 -0.82 -13.34
CA THR B 155 -37.10 -0.11 -12.08
C THR B 155 -37.93 -0.73 -10.95
N HIS B 156 -39.19 -1.08 -11.24
CA HIS B 156 -40.02 -1.71 -10.23
C HIS B 156 -39.51 -3.10 -9.85
N ARG B 157 -38.88 -3.80 -10.79
CA ARG B 157 -38.29 -5.10 -10.48
C ARG B 157 -37.15 -4.97 -9.48
N SER B 158 -36.33 -3.91 -9.63
CA SER B 158 -35.20 -3.71 -8.73
C SER B 158 -35.67 -3.52 -7.29
N ALA B 159 -36.76 -2.79 -7.09
CA ALA B 159 -37.28 -2.56 -5.75
C ALA B 159 -37.96 -3.80 -5.20
N LYS B 160 -38.72 -4.51 -6.05
CA LYS B 160 -39.46 -5.68 -5.60
C LYS B 160 -38.52 -6.78 -5.13
N TRP B 161 -37.50 -7.09 -5.94
CA TRP B 161 -36.60 -8.17 -5.59
C TRP B 161 -35.64 -7.76 -4.46
N SER B 162 -35.37 -6.46 -4.32
CA SER B 162 -34.51 -6.01 -3.23
C SER B 162 -35.22 -6.14 -1.88
N ARG B 163 -36.51 -5.80 -1.83
CA ARG B 163 -37.28 -5.97 -0.61
C ARG B 163 -37.41 -7.43 -0.22
N GLU B 164 -37.54 -8.32 -1.22
CA GLU B 164 -37.58 -9.75 -0.95
C GLU B 164 -36.30 -10.20 -0.26
N ILE B 165 -35.15 -9.75 -0.76
CA ILE B 165 -33.88 -10.13 -0.16
C ILE B 165 -33.73 -9.50 1.22
N ALA B 166 -34.25 -8.27 1.39
CA ALA B 166 -34.14 -7.59 2.67
C ALA B 166 -34.87 -8.36 3.77
N GLU B 167 -36.09 -8.80 3.49
CA GLU B 167 -36.87 -9.55 4.47
C GLU B 167 -36.33 -10.97 4.65
N GLN B 168 -35.64 -11.51 3.64
CA GLN B 168 -34.97 -12.79 3.80
C GLN B 168 -33.87 -12.70 4.86
N ALA B 169 -33.28 -11.52 5.02
CA ALA B 169 -32.21 -11.31 6.00
C ALA B 169 -32.70 -10.70 7.30
N ARG B 170 -34.02 -10.71 7.55
CA ARG B 170 -34.56 -10.12 8.77
C ARG B 170 -34.39 -11.05 9.96
N GLU C 1 2.00 13.79 16.13
CA GLU C 1 1.56 12.85 15.12
C GLU C 1 0.06 12.98 14.86
N GLY C 2 -0.31 12.99 13.58
CA GLY C 2 -1.70 13.11 13.22
C GLY C 2 -2.07 12.26 12.02
N SER C 3 -3.21 12.57 11.40
CA SER C 3 -3.71 11.81 10.25
C SER C 3 -4.01 12.77 9.11
N PRO C 4 -3.11 12.88 8.13
CA PRO C 4 -3.43 13.71 6.95
C PRO C 4 -4.68 13.25 6.21
N ARG C 5 -5.00 11.96 6.27
CA ARG C 5 -6.22 11.47 5.65
C ARG C 5 -7.46 12.03 6.35
N LEU C 6 -7.35 12.32 7.65
CA LEU C 6 -8.46 12.92 8.37
C LEU C 6 -8.58 14.42 8.04
N VAL C 7 -7.44 15.11 7.91
CA VAL C 7 -7.47 16.49 7.45
C VAL C 7 -8.10 16.57 6.07
N LEU C 8 -7.78 15.60 5.20
CA LEU C 8 -8.45 15.48 3.92
C LEU C 8 -9.96 15.34 4.10
N ARG C 9 -10.38 14.30 4.82
CA ARG C 9 -11.80 14.01 5.00
C ARG C 9 -12.54 15.18 5.63
N ALA C 10 -11.86 15.96 6.46
CA ALA C 10 -12.48 17.14 7.05
C ALA C 10 -12.66 18.24 6.00
N LEU C 11 -11.65 18.45 5.16
CA LEU C 11 -11.78 19.44 4.09
C LEU C 11 -12.85 19.05 3.08
N GLU C 12 -13.07 17.75 2.91
CA GLU C 12 -14.17 17.28 2.06
C GLU C 12 -15.50 17.77 2.61
N ASN C 13 -15.64 17.83 3.94
CA ASN C 13 -16.89 18.28 4.55
C ASN C 13 -17.08 19.77 4.40
N MET C 14 -15.98 20.53 4.30
CA MET C 14 -16.09 21.98 4.32
C MET C 14 -16.48 22.56 2.96
N VAL C 15 -16.08 21.91 1.87
CA VAL C 15 -16.59 22.33 0.56
C VAL C 15 -18.06 21.96 0.41
N ARG C 16 -18.44 20.78 0.90
CA ARG C 16 -19.84 20.35 0.83
C ARG C 16 -20.73 21.33 1.58
N ALA C 17 -20.23 21.91 2.67
CA ALA C 17 -20.97 22.94 3.38
C ALA C 17 -20.93 24.25 2.60
N ALA C 18 -19.75 24.62 2.09
CA ALA C 18 -19.63 25.85 1.31
C ALA C 18 -20.50 25.79 0.06
N HIS C 19 -20.58 24.63 -0.58
CA HIS C 19 -21.49 24.46 -1.70
C HIS C 19 -22.94 24.53 -1.23
N THR C 20 -23.25 23.94 -0.08
CA THR C 20 -24.60 24.01 0.46
C THR C 20 -24.96 25.43 0.87
N LEU C 21 -24.00 26.15 1.49
CA LEU C 21 -24.24 27.53 1.88
C LEU C 21 -24.52 28.41 0.68
N ALA C 22 -23.71 28.28 -0.37
CA ALA C 22 -23.92 29.08 -1.57
C ALA C 22 -25.26 28.76 -2.23
N GLU C 23 -25.67 27.48 -2.17
CA GLU C 23 -26.98 27.11 -2.70
C GLU C 23 -28.10 27.81 -1.94
N ILE C 24 -28.03 27.80 -0.61
CA ILE C 24 -29.07 28.42 0.21
C ILE C 24 -29.13 29.93 -0.05
N ALA C 25 -27.97 30.58 -0.12
CA ALA C 25 -27.93 32.01 -0.37
C ALA C 25 -28.45 32.34 -1.77
N ARG C 26 -28.15 31.49 -2.74
CA ARG C 26 -28.54 31.77 -4.12
C ARG C 26 -30.04 31.64 -4.31
N ASP C 27 -30.62 30.53 -3.86
CA ASP C 27 -32.05 30.27 -4.04
C ASP C 27 -32.92 31.24 -3.27
N ASN C 28 -32.34 32.10 -2.42
CA ASN C 28 -33.14 32.98 -1.59
C ASN C 28 -32.71 34.45 -1.71
N GLY C 29 -31.83 34.77 -2.65
CA GLY C 29 -31.46 36.14 -2.92
C GLY C 29 -30.90 36.89 -1.74
N ASN C 30 -29.98 36.26 -1.01
CA ASN C 30 -29.37 36.84 0.17
C ASN C 30 -27.91 37.15 -0.17
N GLU C 31 -27.64 38.42 -0.50
CA GLU C 31 -26.29 38.82 -0.91
C GLU C 31 -25.30 38.71 0.26
N GLU C 32 -25.75 39.01 1.48
CA GLU C 32 -24.87 38.86 2.63
C GLU C 32 -24.56 37.39 2.92
N TRP C 33 -25.47 36.49 2.57
CA TRP C 33 -25.23 35.07 2.78
C TRP C 33 -24.34 34.48 1.70
N LEU C 34 -24.33 35.07 0.51
CA LEU C 34 -23.34 34.70 -0.50
C LEU C 34 -21.93 34.99 0.00
N GLU C 35 -21.74 36.14 0.64
CA GLU C 35 -20.41 36.52 1.11
C GLU C 35 -19.89 35.55 2.17
N ARG C 36 -20.77 35.11 3.08
CA ARG C 36 -20.32 34.18 4.11
C ARG C 36 -20.02 32.81 3.52
N ALA C 37 -20.73 32.43 2.45
CA ALA C 37 -20.41 31.18 1.78
C ALA C 37 -19.13 31.30 0.96
N ALA C 38 -18.92 32.45 0.32
CA ALA C 38 -17.70 32.64 -0.47
C ALA C 38 -16.47 32.68 0.43
N ARG C 39 -16.61 33.25 1.62
CA ARG C 39 -15.48 33.29 2.56
C ARG C 39 -15.09 31.89 3.00
N LEU C 40 -16.08 31.00 3.18
CA LEU C 40 -15.77 29.63 3.57
C LEU C 40 -15.05 28.90 2.45
N ALA C 41 -15.50 29.07 1.20
CA ALA C 41 -14.83 28.43 0.08
C ALA C 41 -13.42 28.97 -0.11
N GLU C 42 -13.21 30.24 0.21
CA GLU C 42 -11.86 30.82 0.10
C GLU C 42 -10.90 30.20 1.10
N GLU C 43 -11.39 29.83 2.29
CA GLU C 43 -10.54 29.12 3.25
C GLU C 43 -10.08 27.79 2.66
N VAL C 44 -11.02 26.99 2.18
CA VAL C 44 -10.70 25.63 1.76
C VAL C 44 -9.71 25.65 0.61
N ALA C 45 -9.90 26.56 -0.35
CA ALA C 45 -8.95 26.69 -1.44
C ALA C 45 -7.56 26.99 -0.92
N ARG C 46 -7.46 27.91 0.05
CA ARG C 46 -6.17 28.16 0.69
C ARG C 46 -5.72 26.94 1.50
N ARG C 47 -6.68 26.29 2.18
CA ARG C 47 -6.35 25.08 2.94
C ARG C 47 -5.96 23.94 2.01
N ALA C 48 -6.65 23.80 0.87
CA ALA C 48 -6.33 22.72 -0.06
C ALA C 48 -4.98 22.96 -0.74
N GLU C 49 -4.65 24.23 -1.01
CA GLU C 49 -3.37 24.54 -1.62
C GLU C 49 -2.21 24.23 -0.69
N GLU C 50 -2.39 24.46 0.62
CA GLU C 50 -1.34 24.15 1.59
C GLU C 50 -1.14 22.64 1.70
N LEU C 51 -2.23 21.88 1.84
CA LEU C 51 -2.10 20.44 2.03
C LEU C 51 -1.48 19.77 0.80
N ALA C 52 -1.92 20.17 -0.39
CA ALA C 52 -1.31 19.65 -1.61
C ALA C 52 0.15 20.05 -1.70
N ARG C 53 0.49 21.27 -1.28
CA ARG C 53 1.86 21.72 -1.29
C ARG C 53 2.72 20.88 -0.33
N GLU C 54 2.22 20.68 0.89
CA GLU C 54 2.98 19.92 1.87
C GLU C 54 3.08 18.45 1.48
N ALA C 55 1.98 17.86 1.02
CA ALA C 55 1.99 16.44 0.66
C ALA C 55 2.93 16.18 -0.51
N ARG C 56 3.15 17.17 -1.37
CA ARG C 56 4.10 17.02 -2.46
C ARG C 56 5.53 16.95 -1.94
N LYS C 57 5.84 17.72 -0.89
CA LYS C 57 7.19 17.77 -0.37
C LYS C 57 7.60 16.49 0.33
N GLU C 58 6.64 15.73 0.87
CA GLU C 58 6.92 14.47 1.54
C GLU C 58 6.80 13.28 0.60
N GLY C 59 6.33 13.47 -0.63
CA GLY C 59 6.33 12.43 -1.62
C GLY C 59 5.09 11.56 -1.67
N ASN C 60 4.03 11.92 -0.95
CA ASN C 60 2.77 11.19 -1.01
C ASN C 60 1.87 11.93 -2.00
N LEU C 61 1.94 11.50 -3.26
CA LEU C 61 1.21 12.17 -4.33
C LEU C 61 -0.27 11.79 -4.34
N GLU C 62 -0.65 10.70 -3.68
CA GLU C 62 -2.07 10.35 -3.60
C GLU C 62 -2.84 11.40 -2.79
N LEU C 63 -2.28 11.80 -1.65
CA LEU C 63 -2.86 12.93 -0.91
C LEU C 63 -2.86 14.19 -1.75
N ALA C 64 -1.79 14.41 -2.52
CA ALA C 64 -1.71 15.61 -3.35
C ALA C 64 -2.88 15.68 -4.33
N LEU C 65 -3.18 14.56 -4.99
CA LEU C 65 -4.29 14.52 -5.93
C LEU C 65 -5.62 14.78 -5.23
N LYS C 66 -5.86 14.10 -4.11
CA LYS C 66 -7.10 14.28 -3.37
C LYS C 66 -7.23 15.70 -2.83
N ALA C 67 -6.09 16.33 -2.50
CA ALA C 67 -6.14 17.73 -2.09
C ALA C 67 -6.45 18.64 -3.27
N LEU C 68 -5.91 18.32 -4.46
CA LEU C 68 -6.21 19.12 -5.64
C LEU C 68 -7.67 18.98 -6.06
N GLN C 69 -8.29 17.83 -5.78
CA GLN C 69 -9.72 17.67 -6.06
C GLN C 69 -10.54 18.66 -5.23
N ILE C 70 -10.22 18.78 -3.93
CA ILE C 70 -10.93 19.72 -3.08
C ILE C 70 -10.65 21.15 -3.53
N LEU C 71 -9.45 21.42 -4.04
CA LEU C 71 -9.16 22.73 -4.61
C LEU C 71 -10.05 22.98 -5.83
N VAL C 72 -10.28 21.95 -6.64
CA VAL C 72 -11.13 22.10 -7.83
C VAL C 72 -12.57 22.39 -7.42
N ASN C 73 -13.08 21.62 -6.46
CA ASN C 73 -14.48 21.80 -6.06
C ASN C 73 -14.70 23.15 -5.40
N ALA C 74 -13.70 23.66 -4.66
CA ALA C 74 -13.81 24.99 -4.10
C ALA C 74 -13.76 26.05 -5.19
N ALA C 75 -12.97 25.82 -6.24
CA ALA C 75 -12.94 26.75 -7.36
C ALA C 75 -14.26 26.78 -8.10
N TYR C 76 -15.01 25.67 -8.08
CA TYR C 76 -16.32 25.66 -8.73
C TYR C 76 -17.34 26.43 -7.90
N VAL C 77 -17.26 26.32 -6.57
CA VAL C 77 -18.17 27.07 -5.71
C VAL C 77 -17.91 28.57 -5.85
N LEU C 78 -16.63 28.96 -5.75
CA LEU C 78 -16.29 30.38 -5.91
C LEU C 78 -16.66 30.89 -7.29
N ALA C 79 -16.58 30.03 -8.32
CA ALA C 79 -16.88 30.46 -9.68
C ALA C 79 -18.36 30.85 -9.81
N GLU C 80 -19.25 29.97 -9.37
CA GLU C 80 -20.68 30.23 -9.52
C GLU C 80 -21.18 31.27 -8.53
N ILE C 81 -20.45 31.50 -7.43
CA ILE C 81 -20.75 32.63 -6.58
C ILE C 81 -20.40 33.93 -7.29
N ALA C 82 -19.25 33.97 -7.98
CA ALA C 82 -18.84 35.16 -8.69
C ALA C 82 -19.77 35.47 -9.86
N ARG C 83 -20.36 34.43 -10.46
CA ARG C 83 -21.21 34.63 -11.64
C ARG C 83 -22.56 35.22 -11.26
N ASP C 84 -23.20 34.68 -10.23
CA ASP C 84 -24.52 35.11 -9.81
C ASP C 84 -24.44 36.48 -9.15
N ARG C 85 -23.28 37.11 -9.23
CA ARG C 85 -22.99 38.34 -8.51
C ARG C 85 -22.17 39.32 -9.34
N GLY C 86 -21.83 38.95 -10.58
CA GLY C 86 -21.24 39.90 -11.51
C GLY C 86 -19.79 40.21 -11.25
N ASN C 87 -19.11 39.38 -10.47
CA ASN C 87 -17.74 39.64 -10.03
C ASN C 87 -16.80 38.84 -10.94
N GLU C 88 -16.24 39.52 -11.94
CA GLU C 88 -15.28 38.89 -12.85
C GLU C 88 -13.91 38.73 -12.23
N GLU C 89 -13.64 39.38 -11.09
CA GLU C 89 -12.32 39.26 -10.47
C GLU C 89 -12.15 37.91 -9.79
N LEU C 90 -13.24 37.35 -9.25
CA LEU C 90 -13.17 36.01 -8.66
C LEU C 90 -13.09 34.94 -9.75
N LEU C 91 -13.85 35.12 -10.84
CA LEU C 91 -13.83 34.13 -11.92
C LEU C 91 -12.43 33.96 -12.50
N GLU C 92 -11.62 35.03 -12.48
CA GLU C 92 -10.22 34.90 -12.87
C GLU C 92 -9.46 34.05 -11.86
N LYS C 93 -9.59 34.38 -10.57
CA LYS C 93 -8.93 33.59 -9.54
C LYS C 93 -9.47 32.16 -9.50
N ALA C 94 -10.76 31.98 -9.79
CA ALA C 94 -11.33 30.64 -9.80
C ALA C 94 -10.79 29.83 -10.97
N ALA C 95 -10.66 30.46 -12.14
CA ALA C 95 -10.13 29.75 -13.30
C ALA C 95 -8.67 29.38 -13.10
N ARG C 96 -7.87 30.30 -12.56
CA ARG C 96 -6.46 30.03 -12.32
C ARG C 96 -6.24 28.98 -11.24
N LEU C 97 -7.21 28.81 -10.34
CA LEU C 97 -7.11 27.75 -9.34
C LEU C 97 -7.36 26.39 -9.98
N ALA C 98 -8.41 26.28 -10.80
CA ALA C 98 -8.68 25.02 -11.48
C ALA C 98 -7.59 24.69 -12.49
N GLU C 99 -7.03 25.71 -13.15
CA GLU C 99 -5.97 25.47 -14.13
C GLU C 99 -4.69 24.99 -13.46
N GLU C 100 -4.38 25.52 -12.28
CA GLU C 100 -3.20 25.07 -11.55
C GLU C 100 -3.36 23.63 -11.07
N ALA C 101 -4.56 23.28 -10.62
CA ALA C 101 -4.83 21.89 -10.23
C ALA C 101 -4.76 20.98 -11.45
N ALA C 102 -5.27 21.45 -12.59
CA ALA C 102 -5.17 20.67 -13.83
C ALA C 102 -3.72 20.53 -14.27
N ARG C 103 -2.91 21.57 -14.07
CA ARG C 103 -1.49 21.49 -14.41
C ARG C 103 -0.78 20.46 -13.55
N GLN C 104 -1.01 20.50 -12.23
CA GLN C 104 -0.32 19.59 -11.33
C GLN C 104 -0.83 18.16 -11.50
N ALA C 105 -2.13 17.99 -11.73
CA ALA C 105 -2.67 16.66 -11.94
C ALA C 105 -2.06 15.99 -13.18
N GLU C 106 -1.72 16.80 -14.20
CA GLU C 106 -1.08 16.23 -15.38
C GLU C 106 0.37 15.86 -15.10
N GLU C 107 1.08 16.68 -14.31
CA GLU C 107 2.45 16.35 -13.93
C GLU C 107 2.54 14.96 -13.32
N ILE C 108 1.74 14.72 -12.28
CA ILE C 108 1.76 13.43 -11.60
C ILE C 108 1.34 12.32 -12.55
N ALA C 109 0.34 12.59 -13.39
CA ALA C 109 -0.10 11.60 -14.37
C ALA C 109 0.98 11.32 -15.39
N ARG C 110 1.67 12.36 -15.85
CA ARG C 110 2.73 12.16 -16.83
C ARG C 110 3.90 11.38 -16.24
N GLN C 111 4.27 11.68 -15.00
CA GLN C 111 5.39 10.98 -14.38
C GLN C 111 5.02 9.57 -13.96
N ALA C 112 3.78 9.36 -13.52
CA ALA C 112 3.34 8.03 -13.16
C ALA C 112 3.28 7.11 -14.37
N ARG C 113 2.93 7.67 -15.54
CA ARG C 113 2.96 6.87 -16.76
C ARG C 113 4.40 6.54 -17.17
N LYS C 114 5.34 7.44 -16.88
CA LYS C 114 6.73 7.19 -17.22
C LYS C 114 7.34 6.10 -16.34
N GLU C 115 6.92 6.00 -15.09
CA GLU C 115 7.44 5.00 -14.18
C GLU C 115 6.75 3.65 -14.30
N GLY C 116 5.58 3.59 -14.93
CA GLY C 116 4.78 2.40 -14.88
C GLY C 116 3.90 2.27 -13.66
N ASN C 117 3.77 3.32 -12.87
CA ASN C 117 2.91 3.35 -11.69
C ASN C 117 1.48 3.51 -12.20
N PHE C 118 0.83 2.38 -12.50
CA PHE C 118 -0.47 2.40 -13.14
C PHE C 118 -1.54 3.01 -12.24
N GLU C 119 -1.45 2.74 -10.93
CA GLU C 119 -2.48 3.21 -10.02
C GLU C 119 -2.43 4.72 -9.83
N LEU C 120 -1.22 5.28 -9.67
CA LEU C 120 -1.09 6.73 -9.55
C LEU C 120 -1.60 7.43 -10.81
N ALA C 121 -1.29 6.89 -11.98
CA ALA C 121 -1.72 7.52 -13.23
C ALA C 121 -3.24 7.57 -13.30
N LEU C 122 -3.91 6.43 -13.10
CA LEU C 122 -5.37 6.39 -13.20
C LEU C 122 -6.02 7.31 -12.18
N GLU C 123 -5.48 7.33 -10.95
CA GLU C 123 -6.01 8.25 -9.95
C GLU C 123 -5.79 9.70 -10.36
N ALA C 124 -4.61 10.01 -10.88
CA ALA C 124 -4.34 11.36 -11.36
C ALA C 124 -5.17 11.69 -12.59
N LEU C 125 -5.36 10.70 -13.48
CA LEU C 125 -6.16 10.93 -14.68
C LEU C 125 -7.63 11.15 -14.33
N GLU C 126 -8.09 10.58 -13.21
CA GLU C 126 -9.43 10.89 -12.72
C GLU C 126 -9.55 12.36 -12.34
N ILE C 127 -8.51 12.91 -11.72
CA ILE C 127 -8.57 14.30 -11.25
C ILE C 127 -8.45 15.27 -12.41
N LEU C 128 -7.73 14.89 -13.47
CA LEU C 128 -7.71 15.71 -14.67
C LEU C 128 -9.12 15.92 -15.21
N ASN C 129 -9.95 14.88 -15.18
CA ASN C 129 -11.34 15.00 -15.60
C ASN C 129 -12.07 16.05 -14.76
N GLU C 130 -11.95 15.95 -13.43
CA GLU C 130 -12.63 16.89 -12.55
C GLU C 130 -12.17 18.32 -12.80
N ALA C 131 -10.86 18.53 -12.92
CA ALA C 131 -10.35 19.87 -13.17
C ALA C 131 -10.72 20.35 -14.56
N ALA C 132 -10.69 19.46 -15.56
CA ALA C 132 -10.99 19.88 -16.92
C ALA C 132 -12.47 20.19 -17.10
N ARG C 133 -13.35 19.41 -16.44
CA ARG C 133 -14.78 19.73 -16.50
C ARG C 133 -15.08 21.09 -15.91
N VAL C 134 -14.33 21.49 -14.87
CA VAL C 134 -14.57 22.78 -14.23
C VAL C 134 -13.94 23.90 -15.06
N LEU C 135 -12.72 23.70 -15.56
CA LEU C 135 -12.09 24.70 -16.41
C LEU C 135 -12.97 25.06 -17.60
N ALA C 136 -13.58 24.06 -18.23
CA ALA C 136 -14.42 24.33 -19.39
C ALA C 136 -15.66 25.13 -18.99
N ARG C 137 -16.30 24.77 -17.87
CA ARG C 137 -17.46 25.52 -17.41
C ARG C 137 -17.10 26.94 -17.03
N ILE C 138 -15.96 27.13 -16.37
CA ILE C 138 -15.55 28.46 -15.95
C ILE C 138 -15.16 29.30 -17.17
N ALA C 139 -14.41 28.70 -18.10
CA ALA C 139 -14.04 29.42 -19.31
C ALA C 139 -15.24 29.73 -20.19
N HIS C 140 -16.31 28.93 -20.08
CA HIS C 140 -17.53 29.22 -20.82
C HIS C 140 -18.17 30.51 -20.33
N HIS C 141 -18.28 30.68 -19.01
CA HIS C 141 -18.81 31.90 -18.43
C HIS C 141 -17.81 33.05 -18.45
N ARG C 142 -16.66 32.88 -19.10
CA ARG C 142 -15.65 33.92 -19.17
C ARG C 142 -15.24 34.21 -20.61
N GLY C 143 -15.64 33.36 -21.57
CA GLY C 143 -15.35 33.62 -22.96
C GLY C 143 -13.93 33.36 -23.37
N ASN C 144 -13.21 32.53 -22.61
CA ASN C 144 -11.81 32.23 -22.90
C ASN C 144 -11.76 30.96 -23.74
N GLN C 145 -11.47 31.13 -25.04
CA GLN C 145 -11.40 29.97 -25.92
C GLN C 145 -10.19 29.10 -25.61
N GLU C 146 -9.06 29.72 -25.25
CA GLU C 146 -7.82 28.98 -25.07
C GLU C 146 -7.91 28.01 -23.89
N LEU C 147 -8.45 28.46 -22.75
CA LEU C 147 -8.60 27.55 -21.62
C LEU C 147 -9.74 26.56 -21.86
N LEU C 148 -10.72 26.93 -22.69
CA LEU C 148 -11.73 25.97 -23.08
C LEU C 148 -11.13 24.87 -23.96
N GLU C 149 -10.26 25.24 -24.88
CA GLU C 149 -9.50 24.24 -25.63
C GLU C 149 -8.57 23.47 -24.72
N LYS C 150 -7.95 24.15 -23.76
CA LYS C 150 -7.11 23.48 -22.78
C LYS C 150 -7.90 22.41 -22.03
N ALA C 151 -9.11 22.74 -21.59
CA ALA C 151 -9.95 21.75 -20.91
C ALA C 151 -10.31 20.61 -21.84
N TRP C 152 -10.49 20.89 -23.13
CA TRP C 152 -10.80 19.84 -24.09
C TRP C 152 -9.62 18.91 -24.29
N ARG C 153 -8.43 19.47 -24.46
CA ARG C 153 -7.24 18.65 -24.67
C ARG C 153 -6.93 17.80 -23.45
N LEU C 154 -7.06 18.38 -22.24
CA LEU C 154 -6.76 17.64 -21.02
C LEU C 154 -7.67 16.43 -20.86
N THR C 155 -8.94 16.56 -21.26
CA THR C 155 -9.86 15.44 -21.16
C THR C 155 -9.47 14.32 -22.12
N HIS C 156 -8.91 14.66 -23.29
CA HIS C 156 -8.46 13.64 -24.22
C HIS C 156 -7.23 12.92 -23.70
N ARG C 157 -6.33 13.63 -23.02
CA ARG C 157 -5.22 12.95 -22.36
C ARG C 157 -5.72 12.02 -21.27
N SER C 158 -6.79 12.40 -20.57
CA SER C 158 -7.38 11.50 -19.59
C SER C 158 -7.92 10.24 -20.26
N ALA C 159 -8.50 10.39 -21.46
CA ALA C 159 -9.05 9.24 -22.15
C ALA C 159 -7.97 8.39 -22.80
N LYS C 160 -6.98 9.02 -23.43
CA LYS C 160 -5.94 8.27 -24.13
C LYS C 160 -5.04 7.52 -23.16
N TRP C 161 -4.50 8.24 -22.17
CA TRP C 161 -3.55 7.60 -21.25
C TRP C 161 -4.23 6.52 -20.41
N SER C 162 -5.54 6.63 -20.18
CA SER C 162 -6.27 5.55 -19.54
C SER C 162 -6.44 4.37 -20.48
N ARG C 163 -6.69 4.65 -21.76
CA ARG C 163 -6.83 3.58 -22.75
C ARG C 163 -5.57 2.74 -22.86
N GLU C 164 -4.41 3.40 -22.81
CA GLU C 164 -3.14 2.67 -22.82
C GLU C 164 -3.10 1.63 -21.71
N ILE C 165 -3.40 2.05 -20.48
CA ILE C 165 -3.36 1.14 -19.34
C ILE C 165 -4.35 -0.01 -19.54
N ALA C 166 -5.52 0.29 -20.10
CA ALA C 166 -6.54 -0.75 -20.32
C ALA C 166 -6.02 -1.84 -21.26
N GLU C 167 -5.46 -1.43 -22.40
CA GLU C 167 -4.87 -2.40 -23.32
C GLU C 167 -3.60 -3.01 -22.75
N GLN C 168 -2.89 -2.28 -21.89
CA GLN C 168 -1.63 -2.71 -21.30
C GLN C 168 -1.83 -3.62 -20.10
N ALA C 169 -3.06 -3.68 -19.56
CA ALA C 169 -3.42 -4.58 -18.49
C ALA C 169 -4.32 -5.72 -18.95
N ARG C 170 -4.46 -5.90 -20.27
CA ARG C 170 -5.30 -6.97 -20.78
C ARG C 170 -4.68 -8.34 -20.46
N LYS C 171 -5.53 -9.37 -20.53
CA LYS C 171 -5.11 -10.74 -20.24
C LYS C 171 -3.95 -11.15 -21.13
N GLU C 172 -3.29 -12.25 -20.75
CA GLU C 172 -2.04 -12.66 -21.37
C GLU C 172 -2.17 -12.82 -22.88
N GLY C 173 -3.06 -13.70 -23.32
CA GLY C 173 -3.22 -13.95 -24.74
C GLY C 173 -4.62 -13.71 -25.27
N GLU C 174 -5.33 -12.74 -24.70
CA GLU C 174 -6.69 -12.43 -25.12
C GLU C 174 -6.72 -11.91 -26.56
N SER D 3 27.93 10.77 -8.62
CA SER D 3 28.45 9.51 -8.10
C SER D 3 27.34 8.48 -7.92
N PRO D 4 27.17 7.59 -8.90
CA PRO D 4 26.15 6.55 -8.78
C PRO D 4 26.41 5.57 -7.65
N ARG D 5 27.66 5.40 -7.23
CA ARG D 5 27.94 4.56 -6.07
C ARG D 5 27.37 5.18 -4.80
N LEU D 6 27.37 6.52 -4.72
CA LEU D 6 26.80 7.18 -3.56
C LEU D 6 25.27 7.11 -3.58
N VAL D 7 24.66 7.26 -4.77
CA VAL D 7 23.21 7.19 -4.85
C VAL D 7 22.71 5.80 -4.50
N LEU D 8 23.54 4.78 -4.72
CA LEU D 8 23.15 3.41 -4.38
C LEU D 8 23.02 3.22 -2.87
N ARG D 9 24.09 3.53 -2.12
CA ARG D 9 24.06 3.28 -0.69
C ARG D 9 23.01 4.14 0.00
N ALA D 10 22.75 5.35 -0.52
CA ALA D 10 21.65 6.14 0.01
C ALA D 10 20.32 5.40 -0.16
N LEU D 11 20.17 4.68 -1.27
CA LEU D 11 18.96 3.88 -1.48
C LEU D 11 18.95 2.67 -0.54
N GLU D 12 20.11 2.06 -0.30
CA GLU D 12 20.18 0.94 0.64
C GLU D 12 19.82 1.39 2.05
N ASN D 13 20.09 2.64 2.40
CA ASN D 13 19.68 3.16 3.70
C ASN D 13 18.17 3.32 3.79
N MET D 14 17.52 3.62 2.67
CA MET D 14 16.08 3.89 2.70
C MET D 14 15.26 2.61 2.79
N VAL D 15 15.70 1.52 2.18
CA VAL D 15 14.93 0.27 2.29
C VAL D 15 14.99 -0.27 3.71
N ARG D 16 16.14 -0.13 4.37
CA ARG D 16 16.23 -0.50 5.78
C ARG D 16 15.31 0.37 6.62
N ALA D 17 15.21 1.66 6.29
CA ALA D 17 14.29 2.54 7.00
C ALA D 17 12.85 2.13 6.77
N ALA D 18 12.48 1.90 5.51
CA ALA D 18 11.13 1.43 5.20
C ALA D 18 10.84 0.10 5.90
N HIS D 19 11.83 -0.79 5.94
CA HIS D 19 11.66 -2.05 6.67
C HIS D 19 11.45 -1.79 8.15
N THR D 20 12.19 -0.84 8.73
CA THR D 20 12.05 -0.57 10.15
C THR D 20 10.74 0.14 10.46
N LEU D 21 10.35 1.12 9.63
CA LEU D 21 9.11 1.85 9.87
C LEU D 21 7.91 0.91 9.83
N ALA D 22 7.80 0.09 8.79
CA ALA D 22 6.73 -0.89 8.74
C ALA D 22 6.82 -1.88 9.90
N GLU D 23 8.04 -2.19 10.34
CA GLU D 23 8.21 -3.02 11.53
C GLU D 23 7.67 -2.32 12.76
N ILE D 24 7.99 -1.03 12.92
CA ILE D 24 7.46 -0.26 14.03
C ILE D 24 5.95 -0.15 13.95
N ALA D 25 5.43 0.10 12.74
CA ALA D 25 3.99 0.30 12.58
C ALA D 25 3.21 -0.99 12.79
N ARG D 26 3.75 -2.11 12.32
CA ARG D 26 3.04 -3.39 12.44
C ARG D 26 2.86 -3.78 13.90
N ASP D 27 3.95 -3.79 14.67
CA ASP D 27 3.86 -4.12 16.09
C ASP D 27 3.19 -3.03 16.92
N ASN D 28 2.95 -1.86 16.36
CA ASN D 28 2.27 -0.78 17.06
C ASN D 28 0.86 -0.54 16.53
N GLY D 29 0.47 -1.21 15.45
CA GLY D 29 -0.88 -1.11 14.92
C GLY D 29 -1.33 0.30 14.57
N ASN D 30 -0.42 1.12 14.05
CA ASN D 30 -0.76 2.48 13.63
C ASN D 30 -0.89 2.48 12.11
N GLU D 31 -2.14 2.53 11.64
CA GLU D 31 -2.41 2.45 10.21
C GLU D 31 -1.85 3.64 9.45
N GLU D 32 -1.76 4.81 10.08
CA GLU D 32 -1.17 5.96 9.42
C GLU D 32 0.32 5.78 9.19
N TRP D 33 1.00 5.04 10.08
CA TRP D 33 2.43 4.80 9.93
C TRP D 33 2.72 3.76 8.85
N LEU D 34 1.83 2.78 8.67
CA LEU D 34 2.05 1.75 7.66
C LEU D 34 2.01 2.35 6.26
N GLU D 35 1.12 3.31 6.01
CA GLU D 35 1.05 3.93 4.70
C GLU D 35 2.32 4.71 4.39
N ARG D 36 2.90 5.37 5.40
CA ARG D 36 4.14 6.10 5.20
C ARG D 36 5.28 5.16 4.84
N ALA D 37 5.35 4.01 5.50
CA ALA D 37 6.40 3.04 5.20
C ALA D 37 6.23 2.46 3.80
N ALA D 38 4.99 2.20 3.40
CA ALA D 38 4.74 1.67 2.07
C ALA D 38 5.09 2.70 1.00
N ARG D 39 4.74 3.96 1.23
CA ARG D 39 5.07 5.01 0.27
C ARG D 39 6.57 5.21 0.14
N LEU D 40 7.31 4.97 1.23
CA LEU D 40 8.76 5.08 1.15
C LEU D 40 9.34 3.91 0.37
N ALA D 41 8.85 2.70 0.64
CA ALA D 41 9.34 1.53 -0.08
C ALA D 41 9.00 1.62 -1.56
N GLU D 42 7.89 2.28 -1.91
CA GLU D 42 7.50 2.38 -3.30
C GLU D 42 8.44 3.29 -4.09
N GLU D 43 8.90 4.39 -3.48
CA GLU D 43 9.76 5.31 -4.21
C GLU D 43 11.17 4.78 -4.37
N VAL D 44 11.67 4.03 -3.37
CA VAL D 44 12.99 3.43 -3.51
C VAL D 44 13.00 2.40 -4.63
N ALA D 45 11.93 1.61 -4.74
CA ALA D 45 11.81 0.69 -5.86
C ALA D 45 11.77 1.45 -7.18
N ARG D 46 11.11 2.61 -7.19
CA ARG D 46 11.11 3.45 -8.38
C ARG D 46 12.50 4.01 -8.65
N ARG D 47 13.18 4.47 -7.60
CA ARG D 47 14.54 4.99 -7.76
C ARG D 47 15.50 3.87 -8.17
N ALA D 48 15.31 2.67 -7.62
CA ALA D 48 16.20 1.56 -7.97
C ALA D 48 16.02 1.13 -9.42
N GLU D 49 14.80 1.22 -9.95
CA GLU D 49 14.56 0.89 -11.34
C GLU D 49 15.30 1.85 -12.27
N GLU D 50 15.21 3.14 -11.99
CA GLU D 50 15.88 4.13 -12.84
C GLU D 50 17.39 3.98 -12.77
N LEU D 51 17.92 3.79 -11.56
CA LEU D 51 19.36 3.69 -11.39
C LEU D 51 19.91 2.40 -11.99
N ALA D 52 19.10 1.34 -12.03
CA ALA D 52 19.52 0.12 -12.70
C ALA D 52 19.53 0.29 -14.21
N ARG D 53 18.57 1.07 -14.74
CA ARG D 53 18.52 1.31 -16.17
C ARG D 53 19.76 2.06 -16.64
N GLU D 54 20.10 3.16 -15.96
CA GLU D 54 21.27 3.94 -16.35
C GLU D 54 22.55 3.13 -16.20
N ALA D 55 22.61 2.26 -15.18
CA ALA D 55 23.79 1.43 -14.99
C ALA D 55 23.94 0.39 -16.09
N ARG D 56 22.83 -0.13 -16.61
CA ARG D 56 22.90 -1.12 -17.68
C ARG D 56 23.18 -0.45 -19.03
N LYS D 57 22.53 0.68 -19.30
CA LYS D 57 22.78 1.40 -20.54
C LYS D 57 24.21 1.92 -20.64
N GLU D 58 24.95 1.91 -19.53
CA GLU D 58 26.36 2.31 -19.54
C GLU D 58 27.29 1.13 -19.29
N GLY D 59 26.77 -0.09 -19.27
CA GLY D 59 27.59 -1.29 -19.19
C GLY D 59 28.18 -1.60 -17.83
N ASN D 60 27.76 -0.91 -16.77
CA ASN D 60 28.27 -1.17 -15.43
C ASN D 60 27.31 -2.14 -14.76
N LEU D 61 27.59 -3.43 -14.90
CA LEU D 61 26.63 -4.45 -14.50
C LEU D 61 26.68 -4.76 -13.01
N GLU D 62 27.84 -4.56 -12.36
CA GLU D 62 27.92 -4.77 -10.93
C GLU D 62 27.04 -3.78 -10.18
N LEU D 63 27.00 -2.54 -10.65
CA LEU D 63 26.14 -1.53 -10.03
C LEU D 63 24.67 -1.80 -10.33
N ALA D 64 24.37 -2.25 -11.55
CA ALA D 64 22.98 -2.53 -11.92
C ALA D 64 22.41 -3.68 -11.11
N LEU D 65 23.23 -4.69 -10.79
CA LEU D 65 22.75 -5.81 -10.00
C LEU D 65 22.47 -5.39 -8.56
N LYS D 66 23.38 -4.62 -7.96
CA LYS D 66 23.16 -4.14 -6.59
C LYS D 66 21.92 -3.26 -6.50
N ALA D 67 21.61 -2.53 -7.57
CA ALA D 67 20.37 -1.77 -7.61
C ALA D 67 19.16 -2.69 -7.71
N LEU D 68 19.36 -3.90 -8.26
CA LEU D 68 18.24 -4.82 -8.45
C LEU D 68 17.80 -5.47 -7.15
N GLN D 69 18.71 -5.70 -6.21
CA GLN D 69 18.31 -6.25 -4.92
C GLN D 69 17.54 -5.23 -4.10
N ILE D 70 17.83 -3.94 -4.28
CA ILE D 70 17.05 -2.90 -3.62
C ILE D 70 15.59 -3.00 -4.05
N LEU D 71 15.35 -3.29 -5.33
CA LEU D 71 14.00 -3.61 -5.79
C LEU D 71 13.42 -4.78 -5.00
N VAL D 72 14.20 -5.86 -4.85
CA VAL D 72 13.71 -7.05 -4.16
C VAL D 72 13.39 -6.73 -2.71
N ASN D 73 14.27 -5.98 -2.03
CA ASN D 73 14.02 -5.60 -0.65
C ASN D 73 12.77 -4.74 -0.53
N ALA D 74 12.63 -3.74 -1.42
CA ALA D 74 11.44 -2.91 -1.40
C ALA D 74 10.20 -3.73 -1.75
N ALA D 75 10.33 -4.67 -2.69
CA ALA D 75 9.20 -5.52 -3.04
C ALA D 75 8.80 -6.41 -1.86
N TYR D 76 9.78 -6.87 -1.08
CA TYR D 76 9.46 -7.68 0.08
C TYR D 76 8.78 -6.85 1.16
N VAL D 77 9.26 -5.63 1.40
CA VAL D 77 8.66 -4.76 2.42
C VAL D 77 7.20 -4.48 2.08
N LEU D 78 6.93 -4.14 0.83
CA LEU D 78 5.55 -3.87 0.40
C LEU D 78 4.70 -5.14 0.48
N ALA D 79 5.28 -6.29 0.13
CA ALA D 79 4.55 -7.54 0.20
C ALA D 79 4.19 -7.91 1.63
N GLU D 80 5.12 -7.68 2.57
CA GLU D 80 4.83 -7.95 3.97
C GLU D 80 3.76 -7.02 4.50
N ILE D 81 3.74 -5.76 4.05
CA ILE D 81 2.69 -4.84 4.46
C ILE D 81 1.35 -5.29 3.93
N ALA D 82 1.32 -5.75 2.67
CA ALA D 82 0.07 -6.20 2.08
C ALA D 82 -0.46 -7.46 2.74
N ARG D 83 0.43 -8.34 3.20
CA ARG D 83 -0.01 -9.57 3.87
C ARG D 83 -0.76 -9.24 5.16
N ASP D 84 -0.25 -8.30 5.95
CA ASP D 84 -0.89 -7.98 7.23
C ASP D 84 -2.17 -7.20 7.03
N ARG D 85 -2.12 -6.13 6.22
CA ARG D 85 -3.23 -5.20 6.07
C ARG D 85 -4.22 -5.62 4.99
N GLY D 86 -3.92 -6.67 4.24
CA GLY D 86 -4.89 -7.22 3.30
C GLY D 86 -5.18 -6.34 2.10
N ASN D 87 -4.14 -5.82 1.45
CA ASN D 87 -4.28 -4.91 0.32
C ASN D 87 -3.79 -5.63 -0.93
N GLU D 88 -4.74 -6.01 -1.80
CA GLU D 88 -4.37 -6.66 -3.05
C GLU D 88 -3.74 -5.69 -4.05
N GLU D 89 -4.06 -4.40 -3.95
CA GLU D 89 -3.39 -3.41 -4.79
C GLU D 89 -1.93 -3.25 -4.42
N LEU D 90 -1.55 -3.59 -3.18
CA LEU D 90 -0.14 -3.60 -2.80
C LEU D 90 0.54 -4.89 -3.25
N LEU D 91 -0.13 -6.03 -3.10
CA LEU D 91 0.41 -7.29 -3.59
C LEU D 91 0.68 -7.22 -5.09
N GLU D 92 -0.16 -6.50 -5.83
CA GLU D 92 0.05 -6.33 -7.27
C GLU D 92 1.34 -5.56 -7.55
N LYS D 93 1.54 -4.44 -6.86
CA LYS D 93 2.77 -3.68 -7.04
C LYS D 93 3.99 -4.47 -6.58
N ALA D 94 3.87 -5.15 -5.44
CA ALA D 94 4.97 -5.99 -4.98
C ALA D 94 5.25 -7.11 -5.97
N ALA D 95 4.22 -7.58 -6.67
CA ALA D 95 4.42 -8.63 -7.67
C ALA D 95 5.19 -8.09 -8.87
N ARG D 96 4.83 -6.90 -9.36
CA ARG D 96 5.56 -6.31 -10.47
C ARG D 96 7.03 -6.13 -10.11
N LEU D 97 7.29 -5.55 -8.93
CA LEU D 97 8.66 -5.22 -8.55
C LEU D 97 9.53 -6.46 -8.44
N ALA D 98 8.98 -7.53 -7.84
CA ALA D 98 9.75 -8.77 -7.75
C ALA D 98 9.83 -9.46 -9.11
N GLU D 99 8.76 -9.40 -9.91
CA GLU D 99 8.79 -9.98 -11.24
C GLU D 99 9.80 -9.26 -12.14
N GLU D 100 9.84 -7.92 -12.03
CA GLU D 100 10.81 -7.16 -12.82
C GLU D 100 12.24 -7.48 -12.39
N ALA D 101 12.45 -7.66 -11.09
CA ALA D 101 13.79 -7.96 -10.59
C ALA D 101 14.25 -9.33 -11.07
N ALA D 102 13.41 -10.35 -10.89
CA ALA D 102 13.72 -11.68 -11.38
C ALA D 102 13.94 -11.68 -12.90
N ARG D 103 13.22 -10.82 -13.61
CA ARG D 103 13.36 -10.75 -15.06
C ARG D 103 14.74 -10.24 -15.46
N GLN D 104 15.12 -9.06 -14.96
CA GLN D 104 16.42 -8.50 -15.31
C GLN D 104 17.57 -9.29 -14.71
N ALA D 105 17.38 -9.88 -13.53
CA ALA D 105 18.42 -10.72 -12.94
C ALA D 105 18.72 -11.91 -13.85
N GLU D 106 17.69 -12.51 -14.44
CA GLU D 106 17.90 -13.60 -15.38
C GLU D 106 18.55 -13.11 -16.66
N GLU D 107 18.26 -11.87 -17.08
CA GLU D 107 18.85 -11.34 -18.30
C GLU D 107 20.34 -11.05 -18.11
N ILE D 108 20.69 -10.36 -17.04
CA ILE D 108 22.10 -10.03 -16.81
C ILE D 108 22.92 -11.28 -16.56
N ALA D 109 22.34 -12.27 -15.89
CA ALA D 109 23.04 -13.54 -15.71
C ALA D 109 23.30 -14.22 -17.06
N ARG D 110 22.36 -14.07 -18.00
CA ARG D 110 22.52 -14.72 -19.29
C ARG D 110 23.60 -14.05 -20.13
N GLN D 111 23.65 -12.71 -20.13
CA GLN D 111 24.71 -12.01 -20.84
C GLN D 111 26.07 -12.28 -20.20
N ALA D 112 26.14 -12.24 -18.86
CA ALA D 112 27.40 -12.51 -18.19
C ALA D 112 27.85 -13.96 -18.37
N ARG D 113 26.89 -14.89 -18.45
CA ARG D 113 27.23 -16.29 -18.71
C ARG D 113 27.87 -16.45 -20.08
N LYS D 114 27.27 -15.84 -21.10
CA LYS D 114 27.78 -15.96 -22.46
C LYS D 114 29.13 -15.25 -22.64
N GLU D 115 29.44 -14.29 -21.79
CA GLU D 115 30.71 -13.56 -21.87
C GLU D 115 31.77 -14.13 -20.94
N GLY D 116 31.48 -15.22 -20.24
CA GLY D 116 32.45 -15.84 -19.36
C GLY D 116 32.65 -15.16 -18.02
N ASN D 117 31.83 -14.17 -17.68
CA ASN D 117 31.96 -13.45 -16.42
C ASN D 117 31.12 -14.20 -15.39
N PHE D 118 31.73 -15.21 -14.76
CA PHE D 118 30.98 -16.08 -13.85
C PHE D 118 30.68 -15.41 -12.52
N GLU D 119 31.43 -14.39 -12.12
CA GLU D 119 31.13 -13.71 -10.86
C GLU D 119 29.85 -12.88 -10.97
N LEU D 120 29.71 -12.13 -12.06
CA LEU D 120 28.44 -11.46 -12.33
C LEU D 120 27.31 -12.47 -12.49
N ALA D 121 27.61 -13.63 -13.09
CA ALA D 121 26.59 -14.66 -13.28
C ALA D 121 26.04 -15.14 -11.96
N LEU D 122 26.92 -15.48 -11.02
CA LEU D 122 26.46 -15.94 -9.71
C LEU D 122 25.83 -14.81 -8.92
N GLU D 123 26.39 -13.60 -9.02
CA GLU D 123 25.79 -12.46 -8.33
C GLU D 123 24.40 -12.17 -8.84
N ALA D 124 24.15 -12.41 -10.14
CA ALA D 124 22.81 -12.23 -10.67
C ALA D 124 21.90 -13.42 -10.34
N LEU D 125 22.48 -14.61 -10.21
CA LEU D 125 21.67 -15.78 -9.87
C LEU D 125 21.22 -15.74 -8.41
N GLU D 126 21.97 -15.05 -7.54
CA GLU D 126 21.53 -14.89 -6.16
C GLU D 126 20.30 -13.99 -6.08
N ILE D 127 20.27 -12.94 -6.91
CA ILE D 127 19.12 -12.05 -6.93
C ILE D 127 17.89 -12.76 -7.49
N LEU D 128 18.09 -13.82 -8.28
CA LEU D 128 16.96 -14.66 -8.68
C LEU D 128 16.30 -15.29 -7.46
N ASN D 129 17.11 -15.84 -6.54
CA ASN D 129 16.56 -16.41 -5.31
C ASN D 129 15.77 -15.37 -4.53
N GLU D 130 16.38 -14.22 -4.27
CA GLU D 130 15.70 -13.17 -3.51
C GLU D 130 14.38 -12.77 -4.15
N ALA D 131 14.34 -12.69 -5.48
CA ALA D 131 13.10 -12.33 -6.16
C ALA D 131 12.11 -13.50 -6.12
N ALA D 132 12.58 -14.71 -6.41
CA ALA D 132 11.69 -15.86 -6.40
C ALA D 132 11.18 -16.17 -5.00
N ARG D 133 12.01 -15.94 -3.98
CA ARG D 133 11.57 -16.12 -2.60
C ARG D 133 10.47 -15.13 -2.24
N VAL D 134 10.48 -13.94 -2.84
CA VAL D 134 9.43 -12.96 -2.58
C VAL D 134 8.17 -13.29 -3.40
N LEU D 135 8.36 -13.66 -4.67
CA LEU D 135 7.22 -14.00 -5.52
C LEU D 135 6.45 -15.19 -4.96
N ALA D 136 7.16 -16.15 -4.38
CA ALA D 136 6.48 -17.30 -3.79
C ALA D 136 5.63 -16.90 -2.60
N ARG D 137 6.11 -15.94 -1.81
CA ARG D 137 5.32 -15.44 -0.69
C ARG D 137 4.05 -14.77 -1.17
N ILE D 138 4.14 -13.98 -2.26
CA ILE D 138 2.96 -13.30 -2.80
C ILE D 138 1.98 -14.31 -3.34
N ALA D 139 2.47 -15.31 -4.09
CA ALA D 139 1.59 -16.32 -4.66
C ALA D 139 0.91 -17.14 -3.57
N HIS D 140 1.56 -17.32 -2.42
CA HIS D 140 0.94 -18.03 -1.31
C HIS D 140 -0.17 -17.19 -0.68
N HIS D 141 0.12 -15.92 -0.40
CA HIS D 141 -0.84 -15.02 0.22
C HIS D 141 -1.90 -14.53 -0.75
N ARG D 142 -1.94 -15.08 -1.96
CA ARG D 142 -2.99 -14.79 -2.92
C ARG D 142 -3.58 -16.05 -3.54
N GLY D 143 -3.09 -17.24 -3.17
CA GLY D 143 -3.63 -18.48 -3.68
C GLY D 143 -3.42 -18.69 -5.17
N ASN D 144 -2.41 -18.06 -5.75
CA ASN D 144 -2.15 -18.16 -7.19
C ASN D 144 -1.18 -19.30 -7.42
N GLN D 145 -1.66 -20.38 -8.04
CA GLN D 145 -0.84 -21.57 -8.21
C GLN D 145 0.15 -21.44 -9.36
N GLU D 146 -0.21 -20.68 -10.40
CA GLU D 146 0.70 -20.51 -11.54
C GLU D 146 1.92 -19.70 -11.15
N LEU D 147 1.72 -18.60 -10.42
CA LEU D 147 2.85 -17.78 -10.00
C LEU D 147 3.69 -18.50 -8.95
N LEU D 148 3.08 -19.35 -8.12
CA LEU D 148 3.83 -20.16 -7.19
C LEU D 148 4.78 -21.10 -7.92
N GLU D 149 4.29 -21.76 -8.97
CA GLU D 149 5.15 -22.64 -9.76
C GLU D 149 6.19 -21.85 -10.54
N LYS D 150 5.88 -20.61 -10.90
CA LYS D 150 6.89 -19.75 -11.51
C LYS D 150 8.04 -19.48 -10.54
N ALA D 151 7.69 -19.12 -9.29
CA ALA D 151 8.73 -18.89 -8.28
C ALA D 151 9.46 -20.20 -7.96
N TRP D 152 8.75 -21.33 -8.02
CA TRP D 152 9.41 -22.62 -7.88
C TRP D 152 10.39 -22.87 -9.01
N ARG D 153 10.01 -22.50 -10.23
CA ARG D 153 10.88 -22.68 -11.38
C ARG D 153 12.08 -21.74 -11.31
N LEU D 154 11.85 -20.51 -10.85
CA LEU D 154 12.92 -19.52 -10.82
C LEU D 154 14.01 -19.90 -9.82
N THR D 155 13.62 -20.46 -8.68
CA THR D 155 14.61 -20.86 -7.69
C THR D 155 15.43 -22.05 -8.20
N HIS D 156 14.79 -22.98 -8.91
CA HIS D 156 15.50 -24.12 -9.47
C HIS D 156 16.51 -23.67 -10.52
N ARG D 157 16.16 -22.65 -11.31
CA ARG D 157 17.09 -22.11 -12.29
C ARG D 157 18.35 -21.56 -11.61
N SER D 158 18.17 -20.85 -10.49
CA SER D 158 19.31 -20.31 -9.76
C SER D 158 20.22 -21.40 -9.27
N ALA D 159 19.66 -22.54 -8.86
CA ALA D 159 20.47 -23.65 -8.39
C ALA D 159 21.16 -24.37 -9.55
N LYS D 160 20.42 -24.57 -10.65
CA LYS D 160 20.96 -25.36 -11.76
C LYS D 160 22.10 -24.62 -12.46
N TRP D 161 21.86 -23.37 -12.87
CA TRP D 161 22.91 -22.61 -13.53
C TRP D 161 24.12 -22.43 -12.62
N SER D 162 23.90 -22.38 -11.30
CA SER D 162 25.02 -22.31 -10.38
C SER D 162 25.82 -23.60 -10.37
N ARG D 163 25.13 -24.75 -10.43
CA ARG D 163 25.82 -26.03 -10.50
C ARG D 163 26.66 -26.13 -11.77
N GLU D 164 26.15 -25.60 -12.88
CA GLU D 164 26.94 -25.52 -14.10
C GLU D 164 28.24 -24.80 -13.85
N ILE D 165 28.15 -23.51 -13.47
CA ILE D 165 29.32 -22.69 -13.18
C ILE D 165 30.21 -23.34 -12.13
N ALA D 166 29.61 -24.11 -11.22
CA ALA D 166 30.43 -24.84 -10.24
C ALA D 166 31.33 -25.85 -10.91
N GLU D 167 30.86 -26.46 -12.01
CA GLU D 167 31.66 -27.42 -12.75
C GLU D 167 32.53 -26.77 -13.82
N GLN D 168 32.13 -25.61 -14.35
CA GLN D 168 33.01 -24.87 -15.24
C GLN D 168 34.23 -24.32 -14.53
N ALA D 169 34.17 -24.16 -13.22
CA ALA D 169 35.27 -23.62 -12.44
C ALA D 169 36.05 -24.71 -11.70
N ARG D 170 35.83 -25.98 -12.04
CA ARG D 170 36.55 -27.07 -11.41
C ARG D 170 38.02 -27.04 -11.78
N LYS D 171 38.82 -27.76 -10.99
CA LYS D 171 40.23 -27.90 -11.29
C LYS D 171 40.44 -28.91 -12.43
N GLU D 172 41.58 -28.79 -13.09
CA GLU D 172 41.91 -29.60 -14.26
C GLU D 172 40.83 -29.47 -15.34
N GLY E 2 49.10 -1.79 17.71
CA GLY E 2 48.05 -2.77 17.57
C GLY E 2 47.22 -2.59 16.32
N SER E 3 46.42 -3.60 15.97
CA SER E 3 45.60 -3.56 14.77
C SER E 3 44.13 -3.45 15.16
N PRO E 4 43.53 -2.25 15.08
CA PRO E 4 42.08 -2.13 15.35
C PRO E 4 41.22 -2.98 14.45
N ARG E 5 41.71 -3.31 13.25
CA ARG E 5 40.97 -4.24 12.39
C ARG E 5 40.86 -5.61 13.04
N LEU E 6 41.89 -6.04 13.75
CA LEU E 6 41.82 -7.29 14.49
C LEU E 6 40.91 -7.17 15.71
N VAL E 7 40.99 -6.02 16.40
CA VAL E 7 40.15 -5.82 17.57
C VAL E 7 38.67 -5.78 17.16
N LEU E 8 38.39 -5.25 15.99
CA LEU E 8 37.01 -5.19 15.51
C LEU E 8 36.44 -6.59 15.26
N ARG E 9 37.14 -7.38 14.45
CA ARG E 9 36.68 -8.74 14.17
C ARG E 9 36.63 -9.58 15.42
N ALA E 10 37.53 -9.33 16.38
CA ALA E 10 37.46 -10.02 17.66
C ALA E 10 36.23 -9.59 18.44
N LEU E 11 35.97 -8.28 18.49
CA LEU E 11 34.75 -7.79 19.11
C LEU E 11 33.51 -8.25 18.35
N GLU E 12 33.62 -8.38 17.03
CA GLU E 12 32.49 -8.81 16.23
C GLU E 12 32.12 -10.26 16.53
N ASN E 13 33.12 -11.12 16.72
CA ASN E 13 32.87 -12.51 17.07
C ASN E 13 32.20 -12.63 18.43
N MET E 14 32.42 -11.66 19.31
CA MET E 14 31.97 -11.80 20.69
C MET E 14 30.48 -11.51 20.85
N VAL E 15 29.92 -10.64 20.01
CA VAL E 15 28.47 -10.42 20.05
C VAL E 15 27.74 -11.58 19.38
N ARG E 16 28.32 -12.14 18.31
CA ARG E 16 27.77 -13.36 17.74
C ARG E 16 27.73 -14.47 18.79
N ALA E 17 28.78 -14.58 19.60
CA ALA E 17 28.78 -15.56 20.68
C ALA E 17 27.70 -15.24 21.70
N ALA E 18 27.64 -13.98 22.14
CA ALA E 18 26.62 -13.59 23.11
C ALA E 18 25.21 -13.78 22.55
N HIS E 19 25.02 -13.46 21.26
CA HIS E 19 23.73 -13.70 20.63
C HIS E 19 23.42 -15.19 20.59
N THR E 20 24.42 -16.03 20.31
CA THR E 20 24.20 -17.47 20.27
C THR E 20 23.89 -18.02 21.66
N LEU E 21 24.62 -17.57 22.68
CA LEU E 21 24.36 -18.02 24.05
C LEU E 21 22.96 -17.66 24.49
N ALA E 22 22.53 -16.42 24.21
CA ALA E 22 21.19 -16.00 24.59
C ALA E 22 20.13 -16.85 23.92
N GLU E 23 20.33 -17.17 22.64
CA GLU E 23 19.37 -18.02 21.93
C GLU E 23 19.36 -19.43 22.50
N ILE E 24 20.55 -19.97 22.81
CA ILE E 24 20.61 -21.31 23.39
C ILE E 24 19.96 -21.32 24.75
N ALA E 25 20.23 -20.30 25.57
CA ALA E 25 19.60 -20.22 26.89
C ALA E 25 18.11 -19.97 26.77
N ARG E 26 17.70 -19.16 25.81
CA ARG E 26 16.28 -18.86 25.62
C ARG E 26 15.51 -20.13 25.26
N ASP E 27 15.98 -20.86 24.25
CA ASP E 27 15.24 -21.99 23.72
C ASP E 27 15.10 -23.13 24.71
N ASN E 28 15.91 -23.16 25.76
CA ASN E 28 15.91 -24.26 26.72
C ASN E 28 15.55 -23.83 28.13
N GLY E 29 15.19 -22.56 28.33
CA GLY E 29 14.75 -22.10 29.64
C GLY E 29 15.78 -22.29 30.74
N ASN E 30 17.05 -22.02 30.43
CA ASN E 30 18.14 -22.20 31.38
C ASN E 30 18.48 -20.82 31.95
N GLU E 31 17.92 -20.52 33.13
CA GLU E 31 18.04 -19.18 33.70
C GLU E 31 19.49 -18.83 34.03
N GLU E 32 20.26 -19.81 34.51
CA GLU E 32 21.67 -19.56 34.78
C GLU E 32 22.44 -19.29 33.50
N TRP E 33 22.07 -19.94 32.39
CA TRP E 33 22.71 -19.69 31.11
C TRP E 33 22.39 -18.29 30.59
N LEU E 34 21.19 -17.78 30.87
CA LEU E 34 20.85 -16.42 30.48
C LEU E 34 21.73 -15.40 31.19
N GLU E 35 22.11 -15.69 32.43
CA GLU E 35 22.97 -14.78 33.17
C GLU E 35 24.35 -14.70 32.55
N ARG E 36 24.90 -15.85 32.14
CA ARG E 36 26.21 -15.85 31.51
C ARG E 36 26.18 -15.15 30.16
N ALA E 37 25.07 -15.28 29.43
CA ALA E 37 24.96 -14.60 28.13
C ALA E 37 24.90 -13.09 28.30
N ALA E 38 24.18 -12.62 29.32
CA ALA E 38 24.07 -11.18 29.53
C ALA E 38 25.38 -10.58 29.99
N ARG E 39 26.16 -11.35 30.77
CA ARG E 39 27.45 -10.85 31.26
C ARG E 39 28.42 -10.60 30.10
N LEU E 40 28.36 -11.45 29.08
CA LEU E 40 29.26 -11.27 27.93
C LEU E 40 28.82 -10.08 27.08
N ALA E 41 27.51 -9.92 26.89
CA ALA E 41 27.02 -8.78 26.14
C ALA E 41 27.31 -7.47 26.86
N GLU E 42 27.20 -7.46 28.20
CA GLU E 42 27.58 -6.28 28.97
C GLU E 42 29.04 -5.93 28.74
N GLU E 43 29.91 -6.94 28.68
CA GLU E 43 31.34 -6.69 28.52
C GLU E 43 31.65 -6.11 27.15
N VAL E 44 31.04 -6.67 26.10
CA VAL E 44 31.33 -6.19 24.75
C VAL E 44 30.84 -4.76 24.57
N ALA E 45 29.70 -4.43 25.19
CA ALA E 45 29.22 -3.05 25.15
C ALA E 45 30.23 -2.10 25.77
N ARG E 46 30.89 -2.52 26.84
CA ARG E 46 31.95 -1.70 27.43
C ARG E 46 33.17 -1.64 26.53
N ARG E 47 33.55 -2.78 25.94
CA ARG E 47 34.65 -2.80 24.98
C ARG E 47 34.38 -1.88 23.80
N ALA E 48 33.18 -1.98 23.23
CA ALA E 48 32.87 -1.21 22.03
C ALA E 48 32.78 0.28 22.32
N GLU E 49 32.13 0.65 23.43
CA GLU E 49 32.02 2.06 23.78
C GLU E 49 33.39 2.67 24.06
N GLU E 50 34.31 1.87 24.59
CA GLU E 50 35.66 2.37 24.87
C GLU E 50 36.43 2.59 23.58
N LEU E 51 36.40 1.62 22.67
CA LEU E 51 37.16 1.75 21.43
C LEU E 51 36.55 2.81 20.52
N ALA E 52 35.23 2.98 20.55
CA ALA E 52 34.61 4.07 19.80
C ALA E 52 35.12 5.42 20.30
N ARG E 53 35.36 5.54 21.60
CA ARG E 53 35.90 6.78 22.16
C ARG E 53 37.33 6.98 21.71
N GLU E 54 38.14 5.92 21.74
CA GLU E 54 39.51 6.02 21.25
C GLU E 54 39.55 6.37 19.78
N ALA E 55 38.74 5.67 18.97
CA ALA E 55 38.72 5.92 17.53
C ALA E 55 38.28 7.33 17.21
N ARG E 56 37.42 7.93 18.04
CA ARG E 56 36.98 9.29 17.80
C ARG E 56 38.01 10.32 18.24
N LYS E 57 38.73 10.03 19.32
CA LYS E 57 39.77 10.94 19.79
C LYS E 57 40.92 11.06 18.78
N GLU E 58 41.04 10.11 17.86
CA GLU E 58 42.02 10.17 16.78
C GLU E 58 41.44 10.66 15.48
N GLY E 59 40.12 10.88 15.42
CA GLY E 59 39.48 11.31 14.19
C GLY E 59 39.23 10.22 13.18
N ASN E 60 39.44 8.96 13.55
CA ASN E 60 39.20 7.83 12.65
C ASN E 60 37.73 7.46 12.82
N LEU E 61 36.87 8.10 12.04
CA LEU E 61 35.43 7.97 12.26
C LEU E 61 34.87 6.67 11.71
N GLU E 62 35.51 6.08 10.69
CA GLU E 62 35.02 4.82 10.15
C GLU E 62 35.13 3.70 11.18
N LEU E 63 36.24 3.65 11.93
CA LEU E 63 36.35 2.70 13.02
C LEU E 63 35.41 3.06 14.17
N ALA E 64 35.16 4.35 14.37
CA ALA E 64 34.24 4.76 15.43
C ALA E 64 32.82 4.30 15.14
N LEU E 65 32.37 4.44 13.89
CA LEU E 65 31.02 4.00 13.54
C LEU E 65 30.92 2.47 13.57
N LYS E 66 31.98 1.79 13.15
CA LYS E 66 31.97 0.33 13.22
C LYS E 66 31.86 -0.16 14.65
N ALA E 67 32.47 0.57 15.59
CA ALA E 67 32.31 0.24 17.00
C ALA E 67 30.90 0.53 17.48
N LEU E 68 30.28 1.59 16.96
CA LEU E 68 28.96 1.97 17.43
C LEU E 68 27.90 0.92 17.06
N GLN E 69 28.11 0.18 15.96
CA GLN E 69 27.14 -0.88 15.63
C GLN E 69 27.33 -2.10 16.53
N ILE E 70 28.55 -2.36 16.99
CA ILE E 70 28.75 -3.41 17.97
C ILE E 70 28.04 -3.06 19.27
N LEU E 71 27.95 -1.77 19.59
CA LEU E 71 27.09 -1.32 20.69
C LEU E 71 25.64 -1.71 20.43
N VAL E 72 25.13 -1.37 19.25
CA VAL E 72 23.73 -1.65 18.92
C VAL E 72 23.46 -3.14 18.96
N ASN E 73 24.39 -3.95 18.45
CA ASN E 73 24.21 -5.40 18.49
C ASN E 73 24.27 -5.92 19.91
N ALA E 74 25.18 -5.40 20.73
CA ALA E 74 25.23 -5.81 22.13
C ALA E 74 24.00 -5.33 22.89
N ALA E 75 23.50 -4.14 22.55
CA ALA E 75 22.29 -3.64 23.21
C ALA E 75 21.07 -4.45 22.82
N TYR E 76 21.05 -4.99 21.60
CA TYR E 76 19.91 -5.79 21.16
C TYR E 76 19.89 -7.14 21.84
N VAL E 77 21.07 -7.73 22.07
CA VAL E 77 21.14 -9.00 22.81
C VAL E 77 20.74 -8.79 24.25
N LEU E 78 21.20 -7.69 24.87
CA LEU E 78 20.80 -7.38 26.24
C LEU E 78 19.30 -7.14 26.34
N ALA E 79 18.73 -6.44 25.35
CA ALA E 79 17.30 -6.13 25.39
C ALA E 79 16.46 -7.41 25.31
N GLU E 80 16.81 -8.32 24.41
CA GLU E 80 16.08 -9.58 24.30
C GLU E 80 16.24 -10.43 25.55
N ILE E 81 17.38 -10.31 26.24
CA ILE E 81 17.56 -11.07 27.48
C ILE E 81 16.70 -10.50 28.59
N ALA E 82 16.62 -9.17 28.69
CA ALA E 82 15.79 -8.56 29.73
C ALA E 82 14.31 -8.88 29.52
N ARG E 83 13.91 -9.14 28.27
CA ARG E 83 12.53 -9.54 28.01
C ARG E 83 12.21 -10.87 28.68
N ASP E 84 13.12 -11.84 28.56
CA ASP E 84 12.85 -13.17 29.08
C ASP E 84 12.91 -13.20 30.60
N ARG E 85 14.00 -12.67 31.17
CA ARG E 85 14.19 -12.66 32.61
C ARG E 85 13.23 -11.72 33.34
N GLY E 86 12.42 -10.95 32.62
CA GLY E 86 11.58 -9.95 33.26
C GLY E 86 12.39 -8.91 34.02
N ASN E 87 13.64 -8.74 33.63
CA ASN E 87 14.60 -7.89 34.34
C ASN E 87 14.41 -6.46 33.84
N GLU E 88 13.64 -5.68 34.59
CA GLU E 88 13.34 -4.31 34.19
C GLU E 88 14.54 -3.39 34.31
N GLU E 89 15.54 -3.76 35.12
CA GLU E 89 16.73 -2.92 35.28
C GLU E 89 17.66 -3.03 34.08
N LEU E 90 17.65 -4.15 33.36
CA LEU E 90 18.47 -4.27 32.16
C LEU E 90 17.86 -3.53 30.97
N LEU E 91 16.53 -3.46 30.89
CA LEU E 91 15.89 -2.74 29.79
C LEU E 91 16.30 -1.28 29.78
N GLU E 92 16.46 -0.68 30.97
CA GLU E 92 16.97 0.68 31.04
C GLU E 92 18.41 0.75 30.55
N LYS E 93 19.23 -0.24 30.90
CA LYS E 93 20.60 -0.28 30.41
C LYS E 93 20.64 -0.51 28.92
N ALA E 94 19.75 -1.37 28.41
CA ALA E 94 19.74 -1.67 26.98
C ALA E 94 19.37 -0.44 26.15
N ALA E 95 18.36 0.31 26.60
CA ALA E 95 17.94 1.49 25.84
C ALA E 95 18.98 2.59 25.88
N ARG E 96 19.60 2.80 27.05
CA ARG E 96 20.59 3.87 27.18
C ARG E 96 21.89 3.57 26.44
N LEU E 97 22.20 2.30 26.18
CA LEU E 97 23.31 1.99 25.29
C LEU E 97 22.94 2.31 23.84
N ALA E 98 21.74 1.90 23.41
CA ALA E 98 21.30 2.19 22.06
C ALA E 98 21.09 3.68 21.86
N GLU E 99 20.54 4.36 22.88
CA GLU E 99 20.37 5.80 22.79
C GLU E 99 21.71 6.50 22.66
N GLU E 100 22.76 5.97 23.30
CA GLU E 100 24.08 6.58 23.20
C GLU E 100 24.69 6.36 21.83
N ALA E 101 24.51 5.16 21.27
CA ALA E 101 25.01 4.90 19.93
C ALA E 101 24.33 5.77 18.89
N ALA E 102 23.00 5.91 19.00
CA ALA E 102 22.26 6.79 18.11
C ALA E 102 22.67 8.24 18.30
N ARG E 103 23.04 8.63 19.53
CA ARG E 103 23.51 9.97 19.79
C ARG E 103 24.78 10.27 19.00
N GLN E 104 25.80 9.43 19.16
CA GLN E 104 27.09 9.67 18.49
C GLN E 104 26.99 9.46 16.98
N ALA E 105 26.12 8.57 16.53
CA ALA E 105 25.99 8.33 15.09
C ALA E 105 25.48 9.57 14.36
N GLU E 106 24.63 10.36 15.02
CA GLU E 106 24.08 11.53 14.36
C GLU E 106 25.09 12.67 14.32
N GLU E 107 25.93 12.80 15.35
CA GLU E 107 26.99 13.80 15.34
C GLU E 107 27.92 13.59 14.15
N ILE E 108 28.42 12.35 14.00
CA ILE E 108 29.35 12.04 12.92
C ILE E 108 28.68 12.26 11.56
N ALA E 109 27.39 11.98 11.47
CA ALA E 109 26.67 12.23 10.23
C ALA E 109 26.68 13.71 9.89
N ARG E 110 26.38 14.57 10.87
CA ARG E 110 26.33 15.99 10.62
C ARG E 110 27.71 16.57 10.38
N GLN E 111 28.72 16.11 11.12
CA GLN E 111 30.08 16.59 10.89
C GLN E 111 30.58 16.16 9.51
N ALA E 112 30.24 14.95 9.09
CA ALA E 112 30.60 14.50 7.74
C ALA E 112 29.74 15.20 6.69
N ARG E 113 28.48 15.50 7.03
CA ARG E 113 27.60 16.19 6.10
C ARG E 113 28.10 17.60 5.83
N LYS E 114 28.60 18.28 6.85
CA LYS E 114 29.09 19.64 6.68
C LYS E 114 30.41 19.68 5.92
N GLU E 115 31.21 18.62 6.01
CA GLU E 115 32.49 18.54 5.32
C GLU E 115 32.39 17.88 3.95
N GLY E 116 31.19 17.50 3.51
CA GLY E 116 31.02 16.89 2.21
C GLY E 116 31.41 15.43 2.13
N ASN E 117 31.72 14.79 3.26
CA ASN E 117 32.05 13.37 3.29
C ASN E 117 30.73 12.59 3.29
N PHE E 118 30.17 12.43 2.08
CA PHE E 118 28.87 11.80 1.95
C PHE E 118 28.93 10.28 2.11
N GLU E 119 30.03 9.66 1.71
CA GLU E 119 30.18 8.23 1.93
C GLU E 119 30.22 7.90 3.41
N LEU E 120 30.74 8.81 4.23
CA LEU E 120 30.79 8.58 5.67
C LEU E 120 29.43 8.84 6.32
N ALA E 121 28.75 9.90 5.88
CA ALA E 121 27.45 10.25 6.46
C ALA E 121 26.44 9.13 6.28
N LEU E 122 26.44 8.50 5.09
CA LEU E 122 25.52 7.39 4.86
C LEU E 122 25.86 6.19 5.73
N GLU E 123 27.16 5.97 5.98
CA GLU E 123 27.57 4.92 6.90
C GLU E 123 27.10 5.22 8.31
N ALA E 124 27.10 6.50 8.70
CA ALA E 124 26.62 6.87 10.02
C ALA E 124 25.10 6.79 10.09
N LEU E 125 24.41 7.13 8.99
CA LEU E 125 22.96 7.08 8.99
C LEU E 125 22.42 5.66 9.01
N GLU E 126 23.22 4.67 8.61
CA GLU E 126 22.79 3.28 8.75
C GLU E 126 22.64 2.89 10.22
N ILE E 127 23.47 3.49 11.09
CA ILE E 127 23.46 3.11 12.50
C ILE E 127 22.24 3.66 13.22
N LEU E 128 21.72 4.80 12.78
CA LEU E 128 20.44 5.28 13.32
C LEU E 128 19.35 4.25 13.08
N ASN E 129 19.31 3.65 11.89
CA ASN E 129 18.37 2.57 11.63
C ASN E 129 18.61 1.41 12.61
N GLU E 130 19.87 1.00 12.76
CA GLU E 130 20.19 -0.09 13.67
C GLU E 130 19.80 0.25 15.09
N ALA E 131 20.16 1.46 15.55
CA ALA E 131 19.85 1.85 16.92
C ALA E 131 18.35 2.00 17.13
N ALA E 132 17.67 2.70 16.20
CA ALA E 132 16.24 2.92 16.37
C ALA E 132 15.45 1.64 16.27
N ARG E 133 15.94 0.64 15.53
CA ARG E 133 15.26 -0.65 15.50
C ARG E 133 15.31 -1.33 16.86
N VAL E 134 16.39 -1.13 17.61
CA VAL E 134 16.48 -1.68 18.96
C VAL E 134 15.58 -0.91 19.90
N LEU E 135 15.64 0.43 19.83
CA LEU E 135 14.80 1.26 20.69
C LEU E 135 13.32 1.01 20.43
N ALA E 136 12.95 0.77 19.16
CA ALA E 136 11.57 0.46 18.84
C ALA E 136 11.15 -0.87 19.46
N ARG E 137 12.02 -1.88 19.37
CA ARG E 137 11.73 -3.16 20.00
C ARG E 137 11.62 -3.01 21.51
N ILE E 138 12.50 -2.20 22.10
CA ILE E 138 12.46 -1.97 23.55
C ILE E 138 11.20 -1.20 23.92
N ALA E 139 10.86 -0.18 23.15
CA ALA E 139 9.70 0.64 23.47
C ALA E 139 8.40 -0.16 23.42
N HIS E 140 8.31 -1.14 22.51
CA HIS E 140 7.13 -1.99 22.46
C HIS E 140 7.06 -2.91 23.67
N HIS E 141 8.18 -3.54 24.02
CA HIS E 141 8.22 -4.51 25.10
C HIS E 141 8.23 -3.87 26.48
N ARG E 142 8.00 -2.56 26.56
CA ARG E 142 7.82 -1.87 27.82
C ARG E 142 6.61 -0.93 27.80
N GLY E 143 5.84 -0.93 26.71
CA GLY E 143 4.68 -0.06 26.61
C GLY E 143 5.01 1.41 26.61
N ASN E 144 6.22 1.78 26.21
CA ASN E 144 6.68 3.17 26.25
C ASN E 144 6.38 3.82 24.91
N GLN E 145 5.34 4.66 24.86
CA GLN E 145 5.01 5.37 23.64
C GLN E 145 5.99 6.51 23.38
N GLU E 146 6.55 7.10 24.44
CA GLU E 146 7.49 8.19 24.27
C GLU E 146 8.77 7.72 23.57
N LEU E 147 9.20 6.49 23.81
CA LEU E 147 10.42 6.01 23.17
C LEU E 147 10.16 5.51 21.75
N LEU E 148 8.95 5.00 21.48
CA LEU E 148 8.59 4.66 20.11
C LEU E 148 8.70 5.87 19.19
N GLU E 149 8.19 7.01 19.65
CA GLU E 149 8.27 8.23 18.85
C GLU E 149 9.71 8.64 18.60
N LYS E 150 10.62 8.33 19.52
CA LYS E 150 12.05 8.57 19.27
C LYS E 150 12.58 7.63 18.19
N ALA E 151 12.22 6.34 18.28
CA ALA E 151 12.67 5.39 17.27
C ALA E 151 12.12 5.74 15.91
N TRP E 152 10.83 6.09 15.83
CA TRP E 152 10.24 6.53 14.57
C TRP E 152 10.81 7.87 14.15
N ARG E 153 11.23 8.71 15.10
CA ARG E 153 11.92 9.94 14.77
C ARG E 153 13.27 9.65 14.11
N LEU E 154 14.00 8.69 14.66
CA LEU E 154 15.38 8.45 14.24
C LEU E 154 15.43 7.63 12.95
N THR E 155 14.56 6.63 12.81
CA THR E 155 14.45 5.91 11.54
C THR E 155 14.04 6.85 10.42
N HIS E 156 13.19 7.84 10.71
CA HIS E 156 12.69 8.73 9.67
C HIS E 156 13.80 9.66 9.17
N ARG E 157 14.64 10.16 10.07
CA ARG E 157 15.72 11.05 9.65
C ARG E 157 16.89 10.31 9.03
N SER E 158 17.01 9.00 9.29
CA SER E 158 17.99 8.20 8.58
C SER E 158 17.67 8.13 7.09
N ALA E 159 16.38 7.99 6.76
CA ALA E 159 15.97 8.00 5.37
C ALA E 159 15.90 9.41 4.80
N LYS E 160 15.47 10.38 5.62
CA LYS E 160 15.34 11.75 5.14
C LYS E 160 16.68 12.32 4.73
N TRP E 161 17.69 12.19 5.59
CA TRP E 161 19.01 12.69 5.24
C TRP E 161 19.66 11.87 4.13
N SER E 162 19.14 10.67 3.84
CA SER E 162 19.69 9.87 2.76
C SER E 162 19.22 10.36 1.40
N ARG E 163 17.96 10.79 1.29
CA ARG E 163 17.49 11.39 0.04
C ARG E 163 18.25 12.67 -0.27
N GLU E 164 18.56 13.46 0.76
CA GLU E 164 19.32 14.69 0.55
C GLU E 164 20.69 14.38 -0.06
N ILE E 165 21.39 13.40 0.48
CA ILE E 165 22.69 13.02 -0.07
C ILE E 165 22.51 12.37 -1.44
N ALA E 166 21.45 11.57 -1.62
CA ALA E 166 21.22 10.91 -2.90
C ALA E 166 20.96 11.92 -4.00
N GLU E 167 20.15 12.94 -3.72
CA GLU E 167 19.78 13.91 -4.74
C GLU E 167 20.87 14.93 -5.01
N GLN E 168 21.81 15.12 -4.06
CA GLN E 168 22.96 15.97 -4.33
C GLN E 168 23.95 15.31 -5.26
N ALA E 169 23.95 13.97 -5.35
CA ALA E 169 24.89 13.23 -6.17
C ALA E 169 24.31 12.89 -7.55
N ARG E 170 23.26 13.58 -7.97
CA ARG E 170 22.65 13.32 -9.27
C ARG E 170 23.42 14.00 -10.39
N GLY F 2 39.71 -23.03 -13.54
CA GLY F 2 39.81 -23.43 -12.15
C GLY F 2 39.85 -22.27 -11.17
N SER F 3 38.76 -22.08 -10.43
CA SER F 3 38.68 -21.02 -9.41
C SER F 3 37.86 -21.54 -8.23
N PRO F 4 38.53 -22.09 -7.21
CA PRO F 4 37.80 -22.56 -6.02
C PRO F 4 36.93 -21.49 -5.37
N ARG F 5 37.32 -20.22 -5.48
CA ARG F 5 36.46 -19.14 -4.98
C ARG F 5 35.14 -19.10 -5.73
N LEU F 6 35.15 -19.43 -7.02
CA LEU F 6 33.90 -19.50 -7.78
C LEU F 6 33.11 -20.75 -7.43
N VAL F 7 33.80 -21.88 -7.22
CA VAL F 7 33.13 -23.08 -6.75
C VAL F 7 32.46 -22.82 -5.41
N LEU F 8 33.12 -22.06 -4.54
CA LEU F 8 32.51 -21.61 -3.30
C LEU F 8 31.26 -20.78 -3.58
N ARG F 9 31.42 -19.71 -4.37
CA ARG F 9 30.33 -18.78 -4.62
C ARG F 9 29.13 -19.49 -5.23
N ALA F 10 29.38 -20.45 -6.12
CA ALA F 10 28.28 -21.23 -6.68
C ALA F 10 27.62 -22.11 -5.62
N LEU F 11 28.43 -22.70 -4.74
CA LEU F 11 27.86 -23.55 -3.68
C LEU F 11 27.02 -22.74 -2.71
N GLU F 12 27.40 -21.49 -2.45
CA GLU F 12 26.57 -20.63 -1.62
C GLU F 12 25.24 -20.31 -2.30
N ASN F 13 25.20 -20.39 -3.64
CA ASN F 13 23.95 -20.18 -4.34
C ASN F 13 23.04 -21.41 -4.27
N MET F 14 23.62 -22.59 -4.12
CA MET F 14 22.82 -23.81 -4.12
C MET F 14 22.16 -24.07 -2.77
N VAL F 15 22.77 -23.60 -1.68
CA VAL F 15 22.11 -23.73 -0.38
C VAL F 15 20.94 -22.76 -0.26
N ARG F 16 21.14 -21.52 -0.70
CA ARG F 16 20.05 -20.54 -0.67
C ARG F 16 18.86 -21.02 -1.49
N ALA F 17 19.13 -21.68 -2.62
CA ALA F 17 18.05 -22.29 -3.39
C ALA F 17 17.40 -23.44 -2.61
N ALA F 18 18.22 -24.34 -2.08
CA ALA F 18 17.69 -25.43 -1.27
C ALA F 18 16.94 -24.91 -0.06
N HIS F 19 17.42 -23.80 0.53
CA HIS F 19 16.67 -23.15 1.59
C HIS F 19 15.35 -22.60 1.08
N THR F 20 15.38 -21.90 -0.06
CA THR F 20 14.16 -21.35 -0.64
C THR F 20 13.20 -22.46 -1.06
N LEU F 21 13.73 -23.54 -1.64
CA LEU F 21 12.87 -24.62 -2.08
C LEU F 21 12.17 -25.29 -0.90
N ALA F 22 12.91 -25.51 0.20
CA ALA F 22 12.31 -26.05 1.42
C ALA F 22 11.28 -25.09 2.00
N GLU F 23 11.50 -23.78 1.87
CA GLU F 23 10.52 -22.81 2.34
C GLU F 23 9.23 -22.90 1.52
N ILE F 24 9.37 -23.00 0.20
CA ILE F 24 8.19 -23.06 -0.68
C ILE F 24 7.40 -24.34 -0.43
N ALA F 25 8.09 -25.47 -0.35
CA ALA F 25 7.41 -26.75 -0.15
C ALA F 25 6.72 -26.80 1.22
N ARG F 26 7.32 -26.16 2.21
CA ARG F 26 6.78 -26.22 3.57
C ARG F 26 5.55 -25.33 3.70
N ASP F 27 5.63 -24.09 3.23
CA ASP F 27 4.49 -23.17 3.29
C ASP F 27 3.34 -23.62 2.40
N ASN F 28 3.57 -24.52 1.46
CA ASN F 28 2.51 -25.01 0.59
C ASN F 28 2.09 -26.44 0.89
N GLY F 29 2.71 -27.09 1.88
CA GLY F 29 2.31 -28.42 2.30
C GLY F 29 2.42 -29.46 1.19
N ASN F 30 3.54 -29.45 0.48
CA ASN F 30 3.79 -30.38 -0.62
C ASN F 30 4.92 -31.31 -0.20
N GLU F 31 4.56 -32.53 0.22
CA GLU F 31 5.56 -33.49 0.66
C GLU F 31 6.47 -33.93 -0.47
N GLU F 32 5.95 -33.96 -1.70
CA GLU F 32 6.79 -34.32 -2.84
C GLU F 32 7.80 -33.21 -3.15
N TRP F 33 7.36 -31.95 -3.03
CA TRP F 33 8.28 -30.83 -3.22
C TRP F 33 9.32 -30.76 -2.10
N LEU F 34 8.97 -31.23 -0.91
CA LEU F 34 9.94 -31.31 0.17
C LEU F 34 11.10 -32.23 -0.20
N GLU F 35 10.80 -33.33 -0.91
CA GLU F 35 11.85 -34.26 -1.30
C GLU F 35 12.80 -33.63 -2.31
N ARG F 36 12.29 -32.78 -3.20
CA ARG F 36 13.14 -32.15 -4.19
C ARG F 36 14.07 -31.13 -3.53
N ALA F 37 13.61 -30.48 -2.47
CA ALA F 37 14.47 -29.55 -1.74
C ALA F 37 15.52 -30.30 -0.93
N ALA F 38 15.12 -31.43 -0.31
CA ALA F 38 16.07 -32.19 0.50
C ALA F 38 17.13 -32.84 -0.37
N ARG F 39 16.75 -33.29 -1.57
CA ARG F 39 17.73 -33.91 -2.46
C ARG F 39 18.80 -32.90 -2.88
N LEU F 40 18.40 -31.65 -3.12
CA LEU F 40 19.36 -30.63 -3.49
C LEU F 40 20.29 -30.29 -2.33
N ALA F 41 19.74 -30.23 -1.12
CA ALA F 41 20.57 -29.99 0.06
C ALA F 41 21.53 -31.14 0.31
N GLU F 42 21.14 -32.35 -0.06
CA GLU F 42 22.03 -33.49 0.10
C GLU F 42 23.22 -33.41 -0.85
N GLU F 43 23.00 -32.88 -2.05
CA GLU F 43 24.11 -32.65 -2.99
C GLU F 43 25.15 -31.70 -2.39
N VAL F 44 24.68 -30.55 -1.89
CA VAL F 44 25.62 -29.53 -1.42
C VAL F 44 26.45 -30.07 -0.28
N ALA F 45 25.85 -30.90 0.57
CA ALA F 45 26.61 -31.54 1.65
C ALA F 45 27.78 -32.34 1.08
N ARG F 46 27.52 -33.14 0.04
CA ARG F 46 28.62 -33.80 -0.66
C ARG F 46 29.64 -32.80 -1.16
N ARG F 47 29.16 -31.79 -1.90
CA ARG F 47 30.06 -30.85 -2.57
C ARG F 47 30.85 -30.04 -1.56
N ALA F 48 30.18 -29.52 -0.53
CA ALA F 48 30.88 -28.74 0.50
C ALA F 48 31.83 -29.62 1.30
N GLU F 49 31.45 -30.86 1.58
CA GLU F 49 32.34 -31.76 2.30
C GLU F 49 33.55 -32.13 1.46
N GLU F 50 33.34 -32.40 0.16
CA GLU F 50 34.46 -32.70 -0.73
C GLU F 50 35.40 -31.50 -0.85
N LEU F 51 34.85 -30.31 -1.04
CA LEU F 51 35.69 -29.12 -1.23
C LEU F 51 36.52 -28.87 0.02
N ALA F 52 35.94 -29.09 1.21
CA ALA F 52 36.70 -28.97 2.44
C ALA F 52 37.83 -29.99 2.49
N ARG F 53 37.58 -31.21 2.01
CA ARG F 53 38.63 -32.22 1.96
C ARG F 53 39.84 -31.73 1.18
N GLU F 54 39.61 -31.26 -0.05
CA GLU F 54 40.70 -30.78 -0.89
C GLU F 54 41.39 -29.58 -0.25
N ALA F 55 40.61 -28.66 0.31
CA ALA F 55 41.18 -27.44 0.89
C ALA F 55 42.17 -27.76 2.01
N ARG F 56 41.86 -28.76 2.83
CA ARG F 56 42.82 -29.21 3.83
C ARG F 56 44.05 -29.80 3.17
N LYS F 57 43.85 -30.69 2.19
CA LYS F 57 44.97 -31.25 1.44
C LYS F 57 45.75 -30.16 0.71
N GLU F 58 45.03 -29.20 0.13
CA GLU F 58 45.64 -28.08 -0.59
C GLU F 58 46.35 -27.10 0.34
N GLY F 59 46.15 -27.21 1.65
CA GLY F 59 46.70 -26.23 2.57
C GLY F 59 45.97 -24.92 2.60
N ASN F 60 44.79 -24.84 2.01
CA ASN F 60 43.99 -23.61 1.97
C ASN F 60 42.94 -23.72 3.07
N LEU F 61 43.32 -23.31 4.29
CA LEU F 61 42.40 -23.43 5.41
C LEU F 61 41.28 -22.40 5.36
N GLU F 62 41.48 -21.28 4.64
CA GLU F 62 40.40 -20.30 4.50
C GLU F 62 39.28 -20.84 3.62
N LEU F 63 39.64 -21.59 2.58
CA LEU F 63 38.62 -22.29 1.78
C LEU F 63 37.82 -23.26 2.64
N ALA F 64 38.53 -24.14 3.36
CA ALA F 64 37.88 -25.18 4.15
C ALA F 64 36.86 -24.57 5.11
N LEU F 65 37.25 -23.49 5.78
CA LEU F 65 36.33 -22.80 6.66
C LEU F 65 35.09 -22.32 5.91
N LYS F 66 35.29 -21.64 4.78
CA LYS F 66 34.16 -21.18 3.99
C LYS F 66 33.37 -22.36 3.42
N ALA F 67 34.03 -23.49 3.19
CA ALA F 67 33.32 -24.68 2.74
C ALA F 67 32.55 -25.33 3.88
N LEU F 68 33.16 -25.40 5.07
CA LEU F 68 32.46 -25.96 6.23
C LEU F 68 31.27 -25.11 6.62
N GLN F 69 31.32 -23.80 6.35
CA GLN F 69 30.16 -22.94 6.61
C GLN F 69 28.99 -23.35 5.72
N ILE F 70 29.25 -23.58 4.43
CA ILE F 70 28.20 -24.05 3.53
C ILE F 70 27.70 -25.42 3.96
N LEU F 71 28.59 -26.27 4.49
CA LEU F 71 28.16 -27.55 5.01
C LEU F 71 27.21 -27.38 6.20
N VAL F 72 27.47 -26.37 7.05
CA VAL F 72 26.61 -26.13 8.19
C VAL F 72 25.22 -25.70 7.75
N ASN F 73 25.16 -24.76 6.79
CA ASN F 73 23.87 -24.26 6.33
C ASN F 73 23.05 -25.34 5.65
N ALA F 74 23.71 -26.26 4.95
CA ALA F 74 22.99 -27.38 4.36
C ALA F 74 22.48 -28.34 5.43
N ALA F 75 23.27 -28.54 6.49
CA ALA F 75 22.80 -29.37 7.60
C ALA F 75 21.60 -28.76 8.29
N TYR F 76 21.49 -27.43 8.27
CA TYR F 76 20.32 -26.78 8.85
C TYR F 76 19.08 -27.00 7.99
N VAL F 77 19.23 -26.89 6.67
CA VAL F 77 18.10 -27.13 5.77
C VAL F 77 17.62 -28.57 5.90
N LEU F 78 18.56 -29.52 5.87
CA LEU F 78 18.19 -30.93 6.01
C LEU F 78 17.55 -31.19 7.38
N ALA F 79 18.02 -30.50 8.42
CA ALA F 79 17.49 -30.72 9.75
C ALA F 79 16.03 -30.31 9.85
N GLU F 80 15.70 -29.11 9.38
CA GLU F 80 14.33 -28.62 9.47
C GLU F 80 13.40 -29.26 8.44
N ILE F 81 13.95 -29.83 7.38
CA ILE F 81 13.13 -30.67 6.50
C ILE F 81 12.76 -31.96 7.21
N ALA F 82 13.74 -32.60 7.84
CA ALA F 82 13.47 -33.80 8.62
C ALA F 82 12.64 -33.49 9.86
N ARG F 83 12.73 -32.26 10.38
CA ARG F 83 11.95 -31.89 11.55
C ARG F 83 10.49 -31.65 11.19
N ASP F 84 10.24 -30.86 10.15
CA ASP F 84 8.89 -30.59 9.68
C ASP F 84 8.32 -31.74 8.89
N ARG F 85 9.03 -32.86 8.87
CA ARG F 85 8.56 -34.16 8.41
C ARG F 85 8.82 -35.16 9.53
N GLY F 86 8.58 -36.44 9.28
CA GLY F 86 8.60 -37.40 10.36
C GLY F 86 9.89 -38.18 10.47
N ASN F 87 10.94 -37.68 9.83
CA ASN F 87 12.20 -38.40 9.68
C ASN F 87 13.15 -37.99 10.81
N GLU F 88 13.33 -38.91 11.76
CA GLU F 88 14.33 -38.72 12.81
C GLU F 88 15.71 -39.23 12.40
N GLU F 89 15.79 -40.11 11.40
CA GLU F 89 17.08 -40.63 10.98
C GLU F 89 17.90 -39.59 10.23
N LEU F 90 17.24 -38.63 9.58
CA LEU F 90 17.96 -37.56 8.92
C LEU F 90 18.55 -36.57 9.93
N LEU F 91 17.86 -36.37 11.05
CA LEU F 91 18.37 -35.46 12.08
C LEU F 91 19.73 -35.92 12.60
N GLU F 92 19.97 -37.23 12.61
CA GLU F 92 21.28 -37.74 13.01
C GLU F 92 22.35 -37.35 11.98
N LYS F 93 22.05 -37.56 10.70
CA LYS F 93 22.98 -37.15 9.65
C LYS F 93 23.20 -35.64 9.68
N ALA F 94 22.13 -34.86 9.89
CA ALA F 94 22.28 -33.42 9.95
C ALA F 94 23.08 -32.99 11.17
N ALA F 95 22.85 -33.63 12.31
CA ALA F 95 23.59 -33.28 13.52
C ALA F 95 25.05 -33.69 13.40
N ARG F 96 25.32 -34.88 12.88
CA ARG F 96 26.70 -35.33 12.71
C ARG F 96 27.46 -34.45 11.72
N LEU F 97 26.76 -33.89 10.73
CA LEU F 97 27.43 -32.97 9.81
C LEU F 97 27.77 -31.64 10.49
N ALA F 98 26.82 -31.10 11.26
CA ALA F 98 27.09 -29.85 11.98
C ALA F 98 28.16 -30.04 13.04
N GLU F 99 28.15 -31.19 13.72
CA GLU F 99 29.16 -31.45 14.74
C GLU F 99 30.54 -31.63 14.12
N GLU F 100 30.62 -32.27 12.95
CA GLU F 100 31.90 -32.46 12.29
C GLU F 100 32.45 -31.13 11.79
N ALA F 101 31.58 -30.26 11.26
CA ALA F 101 32.03 -28.94 10.85
C ALA F 101 32.47 -28.10 12.04
N ALA F 102 31.77 -28.27 13.18
CA ALA F 102 32.19 -27.59 14.40
C ALA F 102 33.51 -28.14 14.92
N ARG F 103 33.75 -29.44 14.74
CA ARG F 103 35.02 -30.03 15.16
C ARG F 103 36.18 -29.49 14.33
N GLN F 104 36.02 -29.46 13.00
CA GLN F 104 37.10 -28.99 12.15
C GLN F 104 37.32 -27.49 12.31
N ALA F 105 36.24 -26.72 12.53
CA ALA F 105 36.39 -25.30 12.77
C ALA F 105 37.20 -25.03 14.03
N GLU F 106 37.08 -25.90 15.04
CA GLU F 106 37.86 -25.73 16.26
C GLU F 106 39.32 -26.10 16.04
N GLU F 107 39.58 -27.14 15.23
CA GLU F 107 40.95 -27.52 14.90
C GLU F 107 41.72 -26.34 14.31
N ILE F 108 41.21 -25.79 13.22
CA ILE F 108 41.88 -24.68 12.55
C ILE F 108 41.98 -23.49 13.49
N ALA F 109 40.94 -23.27 14.30
CA ALA F 109 40.99 -22.19 15.29
C ALA F 109 42.06 -22.46 16.34
N ARG F 110 42.17 -23.72 16.78
CA ARG F 110 43.15 -24.06 17.80
C ARG F 110 44.59 -23.90 17.28
N GLN F 111 44.84 -24.36 16.04
CA GLN F 111 46.19 -24.31 15.52
C GLN F 111 46.56 -22.90 15.07
N ALA F 112 45.61 -22.15 14.51
CA ALA F 112 45.88 -20.74 14.21
C ALA F 112 46.19 -19.95 15.46
N ARG F 113 45.58 -20.32 16.59
CA ARG F 113 45.89 -19.70 17.87
C ARG F 113 47.32 -20.01 18.28
N LYS F 114 47.76 -21.26 18.10
CA LYS F 114 49.09 -21.66 18.53
C LYS F 114 50.18 -21.01 17.67
N GLU F 115 49.88 -20.72 16.41
CA GLU F 115 50.86 -20.11 15.52
C GLU F 115 50.87 -18.60 15.57
N GLY F 116 49.86 -17.98 16.17
CA GLY F 116 49.75 -16.54 16.11
C GLY F 116 49.12 -16.00 14.85
N ASN F 117 48.51 -16.87 14.05
CA ASN F 117 47.79 -16.47 12.83
C ASN F 117 46.43 -15.93 13.26
N PHE F 118 46.40 -14.64 13.59
CA PHE F 118 45.21 -14.04 14.17
C PHE F 118 44.05 -14.04 13.18
N GLU F 119 44.34 -14.00 11.88
CA GLU F 119 43.28 -13.89 10.89
C GLU F 119 42.58 -15.23 10.68
N LEU F 120 43.34 -16.32 10.62
CA LEU F 120 42.70 -17.64 10.56
C LEU F 120 41.88 -17.92 11.80
N ALA F 121 42.41 -17.55 12.98
CA ALA F 121 41.70 -17.83 14.22
C ALA F 121 40.34 -17.15 14.25
N LEU F 122 40.30 -15.85 13.95
CA LEU F 122 39.03 -15.13 13.99
C LEU F 122 38.05 -15.65 12.94
N GLU F 123 38.56 -15.96 11.74
CA GLU F 123 37.69 -16.50 10.70
C GLU F 123 37.15 -17.87 11.09
N ALA F 124 37.99 -18.71 11.69
CA ALA F 124 37.55 -20.02 12.15
C ALA F 124 36.59 -19.90 13.32
N LEU F 125 36.89 -19.00 14.27
CA LEU F 125 36.01 -18.81 15.41
C LEU F 125 34.65 -18.27 14.99
N GLU F 126 34.60 -17.47 13.92
CA GLU F 126 33.33 -17.00 13.39
C GLU F 126 32.46 -18.18 12.95
N ILE F 127 33.07 -19.21 12.36
CA ILE F 127 32.33 -20.35 11.87
C ILE F 127 32.05 -21.36 12.98
N LEU F 128 32.83 -21.32 14.07
CA LEU F 128 32.42 -22.04 15.26
C LEU F 128 31.08 -21.52 15.78
N ASN F 129 30.86 -20.21 15.68
CA ASN F 129 29.56 -19.65 16.06
C ASN F 129 28.44 -20.24 15.20
N GLU F 130 28.60 -20.19 13.88
CA GLU F 130 27.57 -20.69 12.98
C GLU F 130 27.32 -22.18 13.18
N ALA F 131 28.39 -22.96 13.38
CA ALA F 131 28.23 -24.39 13.58
C ALA F 131 27.62 -24.71 14.94
N ALA F 132 28.01 -23.96 15.98
CA ALA F 132 27.49 -24.23 17.31
C ALA F 132 26.04 -23.79 17.45
N ARG F 133 25.67 -22.68 16.79
CA ARG F 133 24.27 -22.27 16.81
C ARG F 133 23.37 -23.29 16.12
N VAL F 134 23.86 -23.92 15.06
CA VAL F 134 23.06 -24.93 14.37
C VAL F 134 23.02 -26.22 15.17
N LEU F 135 24.16 -26.61 15.76
CA LEU F 135 24.18 -27.79 16.65
C LEU F 135 23.18 -27.64 17.78
N ALA F 136 23.03 -26.42 18.32
CA ALA F 136 22.11 -26.21 19.43
C ALA F 136 20.67 -26.37 18.98
N ARG F 137 20.31 -25.74 17.86
CA ARG F 137 18.94 -25.87 17.35
C ARG F 137 18.60 -27.31 17.00
N ILE F 138 19.56 -28.03 16.40
CA ILE F 138 19.31 -29.42 16.04
C ILE F 138 19.19 -30.29 17.30
N ALA F 139 20.08 -30.07 18.28
CA ALA F 139 20.00 -30.84 19.51
C ALA F 139 18.74 -30.53 20.30
N HIS F 140 18.18 -29.32 20.14
CA HIS F 140 16.94 -28.99 20.82
C HIS F 140 15.76 -29.78 20.23
N HIS F 141 15.68 -29.86 18.92
CA HIS F 141 14.63 -30.64 18.27
C HIS F 141 14.86 -32.14 18.37
N ARG F 142 15.90 -32.60 19.07
CA ARG F 142 16.07 -34.02 19.34
C ARG F 142 16.37 -34.30 20.81
N GLY F 143 16.55 -33.27 21.63
CA GLY F 143 16.71 -33.48 23.06
C GLY F 143 18.03 -34.11 23.44
N ASN F 144 19.09 -33.82 22.69
CA ASN F 144 20.42 -34.34 23.00
C ASN F 144 21.09 -33.37 23.97
N GLN F 145 21.21 -33.79 25.23
CA GLN F 145 21.75 -32.91 26.26
C GLN F 145 23.24 -32.69 26.07
N GLU F 146 23.98 -33.73 25.68
CA GLU F 146 25.43 -33.61 25.55
C GLU F 146 25.82 -32.64 24.44
N LEU F 147 25.09 -32.67 23.32
CA LEU F 147 25.44 -31.80 22.20
C LEU F 147 24.97 -30.37 22.42
N LEU F 148 23.90 -30.18 23.21
CA LEU F 148 23.57 -28.84 23.68
C LEU F 148 24.72 -28.27 24.50
N GLU F 149 25.25 -29.07 25.43
CA GLU F 149 26.42 -28.66 26.19
C GLU F 149 27.61 -28.44 25.27
N LYS F 150 27.79 -29.32 24.29
CA LYS F 150 28.85 -29.14 23.31
C LYS F 150 28.69 -27.83 22.55
N ALA F 151 27.49 -27.57 22.05
CA ALA F 151 27.25 -26.33 21.30
C ALA F 151 27.43 -25.11 22.19
N TRP F 152 26.93 -25.16 23.42
CA TRP F 152 27.14 -24.06 24.34
C TRP F 152 28.61 -23.91 24.70
N ARG F 153 29.32 -25.02 24.81
CA ARG F 153 30.74 -24.98 25.15
C ARG F 153 31.56 -24.38 24.02
N LEU F 154 31.27 -24.79 22.78
CA LEU F 154 32.01 -24.25 21.64
C LEU F 154 31.76 -22.76 21.46
N THR F 155 30.52 -22.31 21.71
CA THR F 155 30.21 -20.89 21.58
C THR F 155 31.02 -20.05 22.56
N HIS F 156 31.15 -20.53 23.80
CA HIS F 156 31.92 -19.77 24.78
C HIS F 156 33.41 -19.78 24.45
N ARG F 157 33.89 -20.85 23.82
CA ARG F 157 35.28 -20.90 23.38
C ARG F 157 35.52 -19.90 22.25
N SER F 158 34.51 -19.70 21.39
CA SER F 158 34.60 -18.67 20.37
C SER F 158 34.72 -17.29 20.99
N ALA F 159 34.04 -17.07 22.13
CA ALA F 159 34.11 -15.78 22.79
C ALA F 159 35.44 -15.60 23.52
N LYS F 160 35.96 -16.66 24.12
CA LYS F 160 37.19 -16.54 24.90
C LYS F 160 38.39 -16.29 24.00
N TRP F 161 38.58 -17.13 22.98
CA TRP F 161 39.73 -16.97 22.10
C TRP F 161 39.64 -15.69 21.28
N SER F 162 38.43 -15.21 20.99
CA SER F 162 38.30 -13.91 20.34
C SER F 162 38.67 -12.79 21.30
N ARG F 163 38.29 -12.94 22.58
CA ARG F 163 38.65 -11.95 23.58
C ARG F 163 40.16 -11.79 23.71
N GLU F 164 40.89 -12.91 23.69
CA GLU F 164 42.35 -12.86 23.73
C GLU F 164 42.89 -11.99 22.61
N ILE F 165 42.46 -12.26 21.37
CA ILE F 165 42.96 -11.52 20.21
C ILE F 165 42.63 -10.04 20.32
N ALA F 166 41.47 -9.71 20.92
CA ALA F 166 41.07 -8.32 21.04
C ALA F 166 42.08 -7.51 21.84
N GLU F 167 42.39 -7.95 23.06
CA GLU F 167 43.35 -7.25 23.91
C GLU F 167 44.80 -7.62 23.57
N GLN F 168 45.00 -8.68 22.78
CA GLN F 168 46.34 -8.97 22.25
C GLN F 168 46.73 -7.94 21.20
N ALA F 169 45.76 -7.34 20.52
CA ALA F 169 46.00 -6.34 19.49
C ALA F 169 45.76 -4.92 20.00
N ARG F 170 45.90 -4.69 21.31
CA ARG F 170 45.67 -3.36 21.86
C ARG F 170 46.87 -2.47 21.56
N LYS F 171 46.63 -1.16 21.58
CA LYS F 171 47.61 -0.16 21.17
C LYS F 171 48.42 0.41 22.34
N GLU F 172 48.73 -0.45 23.33
CA GLU F 172 49.62 -0.08 24.45
C GLU F 172 49.08 1.11 25.23
N GLY F 173 47.78 1.09 25.52
CA GLY F 173 47.14 2.17 26.24
C GLY F 173 45.95 1.71 27.05
#